data_3P2N
#
_entry.id   3P2N
#
_cell.length_a   72.990
_cell.length_b   96.803
_cell.length_c   126.836
_cell.angle_alpha   90.00
_cell.angle_beta   90.00
_cell.angle_gamma   90.00
#
_symmetry.space_group_name_H-M   'P 21 21 21'
#
loop_
_entity.id
_entity.type
_entity.pdbx_description
1 polymer 3,6-anhydro-alpha-L-galactosidase
2 non-polymer 'ZINC ION'
3 non-polymer 'CHLORIDE ION'
4 water water
#
_entity_poly.entity_id   1
_entity_poly.type   'polypeptide(L)'
_entity_poly.pdbx_seq_one_letter_code
;MNKYSQFLIFAAVLVSACNSPKTTKEMKSTDDCPEKVTFTPEQIDHLGITDTNHLSAASKRALKWPTDLGNEWFIQFGPL
QPLKGDLAYEEGVVRRDPSAIIKENGKYYVWYSKSTGPTQGFGGDIEKDKVFPWDRCDIWYATSEDGWTWKEEGPAVTRG
EKGAYDDRSVFTVEIMKWEDKYYLCYQTVKSPYNVRVKNQVGLAWADSPDGPWTKSEEPILSPADNGVWKGEEQDRFAVI
KKGDFDSHKVHDPCIIPYKGKFYLYYKGEQMGEAITFGGRQIRHGVAIADNPKGPYVKSPYNPISNSGHEICVWPYNGGI
ASLITTDGPEKNTIQWAPDGINFEIKSVIPGVNAHAIGLNRTADVEKEPTEILRWGLTHIYNNGDYQSIMRFSSERKTRH
VAKGVKKQ
;
_entity_poly.pdbx_strand_id   A,B
#
loop_
_chem_comp.id
_chem_comp.type
_chem_comp.name
_chem_comp.formula
CL non-polymer 'CHLORIDE ION' 'Cl -1'
ZN non-polymer 'ZINC ION' 'Zn 2'
#
# COMPACT_ATOMS: atom_id res chain seq x y z
N THR A 38 1.11 -28.83 8.23
CA THR A 38 2.22 -28.76 9.24
C THR A 38 2.16 -27.45 10.05
N PHE A 39 2.65 -27.48 11.30
CA PHE A 39 2.64 -26.35 12.29
C PHE A 39 3.18 -26.80 13.64
N THR A 40 3.88 -25.93 14.38
CA THR A 40 4.18 -26.17 15.83
C THR A 40 3.15 -25.49 16.76
N PRO A 41 3.18 -25.80 18.08
CA PRO A 41 2.42 -25.01 19.08
C PRO A 41 2.82 -23.53 19.16
N GLU A 42 4.11 -23.24 18.92
CA GLU A 42 4.66 -21.89 18.98
C GLU A 42 4.10 -21.06 17.86
N GLN A 43 4.14 -21.63 16.66
CA GLN A 43 3.62 -21.03 15.44
C GLN A 43 2.10 -20.75 15.55
N ILE A 44 1.36 -21.71 16.12
CA ILE A 44 -0.07 -21.55 16.33
C ILE A 44 -0.35 -20.37 17.27
N ASP A 45 0.48 -20.26 18.31
CA ASP A 45 0.35 -19.18 19.29
C ASP A 45 0.74 -17.85 18.64
N HIS A 46 1.82 -17.83 17.85
N HIS A 46 1.82 -17.86 17.86
CA HIS A 46 2.29 -16.59 17.18
CA HIS A 46 2.31 -16.63 17.21
C HIS A 46 1.20 -16.10 16.23
C HIS A 46 1.26 -16.11 16.21
N LEU A 47 0.61 -17.02 15.48
CA LEU A 47 -0.43 -16.67 14.52
C LEU A 47 -1.81 -16.42 15.13
N GLY A 48 -2.02 -16.72 16.43
CA GLY A 48 -3.32 -16.55 17.06
C GLY A 48 -4.41 -17.47 16.49
N ILE A 49 -3.99 -18.59 15.91
CA ILE A 49 -4.90 -19.56 15.28
C ILE A 49 -5.67 -20.31 16.35
N THR A 50 -7.01 -20.32 16.23
CA THR A 50 -7.83 -20.76 17.37
C THR A 50 -8.13 -22.28 17.38
N ASP A 51 -7.98 -22.95 16.24
CA ASP A 51 -8.36 -24.36 16.15
C ASP A 51 -7.72 -25.05 14.97
N THR A 52 -6.69 -25.85 15.24
CA THR A 52 -5.95 -26.53 14.20
C THR A 52 -6.76 -27.57 13.43
N ASN A 53 -7.92 -27.99 13.97
CA ASN A 53 -8.82 -28.87 13.22
C ASN A 53 -9.80 -28.08 12.32
N HIS A 54 -9.78 -26.74 12.42
CA HIS A 54 -10.64 -25.92 11.52
C HIS A 54 -9.89 -24.69 11.00
N LEU A 55 -9.02 -24.94 10.02
CA LEU A 55 -8.11 -23.93 9.53
C LEU A 55 -8.84 -23.20 8.42
N SER A 56 -8.97 -21.87 8.48
CA SER A 56 -9.62 -21.08 7.41
C SER A 56 -8.64 -20.99 6.22
N ALA A 57 -9.11 -20.59 5.03
CA ALA A 57 -8.16 -20.38 3.91
C ALA A 57 -7.06 -19.40 4.32
N ALA A 58 -7.45 -18.33 5.03
CA ALA A 58 -6.45 -17.28 5.35
C ALA A 58 -5.40 -17.85 6.32
N SER A 59 -5.85 -18.72 7.25
CA SER A 59 -4.90 -19.31 8.23
C SER A 59 -3.94 -20.27 7.57
N LYS A 60 -4.47 -21.05 6.63
CA LYS A 60 -3.62 -21.85 5.78
C LYS A 60 -2.53 -21.08 5.01
N ARG A 61 -2.88 -19.94 4.44
CA ARG A 61 -1.85 -19.04 3.86
C ARG A 61 -0.91 -18.57 4.91
N ALA A 62 -1.41 -18.20 6.10
CA ALA A 62 -0.49 -17.66 7.15
C ALA A 62 0.57 -18.74 7.59
N LEU A 63 0.18 -20.02 7.59
CA LEU A 63 1.06 -21.14 8.00
C LEU A 63 2.14 -21.41 6.93
N LYS A 64 1.92 -20.94 5.69
CA LYS A 64 2.99 -21.01 4.68
C LYS A 64 4.01 -19.91 4.75
N TRP A 65 3.74 -18.86 5.49
CA TRP A 65 4.79 -17.87 5.64
C TRP A 65 6.02 -18.46 6.32
N PRO A 66 7.21 -18.09 5.87
CA PRO A 66 8.45 -18.54 6.58
C PRO A 66 8.57 -18.07 8.03
N THR A 67 8.91 -19.01 8.90
CA THR A 67 8.90 -18.76 10.35
C THR A 67 10.16 -18.08 10.82
N ASP A 68 11.20 -18.15 10.00
CA ASP A 68 12.50 -17.64 10.40
C ASP A 68 12.73 -16.25 9.81
N LEU A 69 11.69 -15.67 9.20
CA LEU A 69 11.82 -14.35 8.60
C LEU A 69 11.41 -13.37 9.65
N GLY A 70 12.30 -12.46 10.04
CA GLY A 70 12.01 -11.56 11.17
C GLY A 70 11.29 -10.33 10.65
N ASN A 71 11.34 -9.25 11.41
CA ASN A 71 10.75 -8.00 11.01
C ASN A 71 11.73 -6.92 10.44
N GLU A 72 12.97 -7.32 10.15
CA GLU A 72 14.00 -6.31 9.89
C GLU A 72 13.90 -5.76 8.46
N TRP A 73 13.02 -6.29 7.60
CA TRP A 73 12.77 -5.75 6.23
C TRP A 73 11.53 -4.76 6.26
N PHE A 74 10.93 -4.63 7.43
CA PHE A 74 9.66 -3.89 7.51
C PHE A 74 9.96 -2.46 7.84
N ILE A 75 9.56 -1.53 6.98
CA ILE A 75 9.86 -0.13 7.22
C ILE A 75 8.67 0.82 6.93
N GLN A 76 8.71 2.03 7.49
CA GLN A 76 7.70 3.03 7.22
C GLN A 76 8.37 4.35 6.86
N PHE A 77 7.82 5.08 5.86
CA PHE A 77 8.41 6.35 5.40
C PHE A 77 7.87 7.54 6.12
N GLY A 78 8.71 8.54 6.38
CA GLY A 78 8.23 9.77 7.00
C GLY A 78 7.64 10.67 5.91
N PRO A 79 7.27 11.90 6.29
CA PRO A 79 6.65 12.77 5.27
C PRO A 79 7.77 13.18 4.31
N LEU A 80 7.46 13.39 3.04
CA LEU A 80 8.45 13.94 2.09
C LEU A 80 8.87 15.36 2.44
N GLN A 81 10.16 15.70 2.31
CA GLN A 81 10.61 17.02 2.73
C GLN A 81 11.23 17.78 1.60
N PRO A 82 11.04 19.12 1.57
CA PRO A 82 11.60 19.82 0.41
C PRO A 82 13.07 20.02 0.57
N LEU A 83 13.74 20.29 -0.54
CA LEU A 83 15.16 20.56 -0.61
C LEU A 83 15.36 22.08 -0.71
N LYS A 84 16.54 22.51 -0.35
CA LYS A 84 16.87 23.92 -0.44
C LYS A 84 17.92 24.16 -1.53
N GLY A 85 18.24 25.43 -1.80
CA GLY A 85 19.14 25.78 -2.90
C GLY A 85 18.42 25.55 -4.24
N ASP A 86 19.16 25.12 -5.25
CA ASP A 86 18.63 24.99 -6.64
C ASP A 86 17.61 23.86 -6.76
N LEU A 87 17.55 22.99 -5.75
CA LEU A 87 16.60 21.87 -5.81
C LEU A 87 15.24 22.12 -5.19
N ALA A 88 15.04 23.32 -4.66
CA ALA A 88 13.69 23.77 -4.33
C ALA A 88 12.83 23.79 -5.61
N TYR A 89 11.51 23.58 -5.44
CA TYR A 89 10.61 23.77 -6.56
C TYR A 89 10.98 25.02 -7.34
N GLU A 90 10.86 24.99 -8.66
CA GLU A 90 11.09 26.21 -9.46
C GLU A 90 10.09 26.27 -10.60
N GLU A 91 9.20 27.26 -10.57
CA GLU A 91 8.18 27.35 -11.63
C GLU A 91 8.86 27.40 -13.01
N GLY A 92 8.41 26.60 -13.98
CA GLY A 92 8.97 26.65 -15.35
C GLY A 92 10.05 25.59 -15.61
N VAL A 93 10.45 24.91 -14.53
CA VAL A 93 11.52 23.88 -14.63
C VAL A 93 11.08 22.54 -14.04
N VAL A 94 11.34 21.43 -14.76
CA VAL A 94 11.11 20.08 -14.26
C VAL A 94 12.48 19.63 -13.72
N ARG A 95 12.56 19.19 -12.48
CA ARG A 95 13.79 18.42 -12.04
C ARG A 95 13.19 17.19 -11.36
N ARG A 96 13.50 16.00 -11.85
CA ARG A 96 12.86 14.75 -11.40
C ARG A 96 13.75 13.53 -11.61
N ASP A 97 13.25 12.40 -11.09
CA ASP A 97 13.89 11.12 -11.25
C ASP A 97 15.37 11.10 -10.79
N PRO A 98 15.62 11.43 -9.51
CA PRO A 98 17.03 11.54 -9.05
C PRO A 98 17.70 10.16 -9.09
N SER A 99 18.97 10.10 -9.52
CA SER A 99 19.81 8.94 -9.39
C SER A 99 20.07 8.61 -7.92
N ALA A 100 20.77 7.49 -7.72
CA ALA A 100 21.46 7.25 -6.47
C ALA A 100 22.43 8.36 -6.21
N ILE A 101 22.74 8.55 -4.93
CA ILE A 101 23.65 9.56 -4.42
C ILE A 101 24.98 8.86 -4.03
N ILE A 102 26.09 9.47 -4.41
CA ILE A 102 27.43 9.03 -4.01
C ILE A 102 28.12 10.26 -3.43
N LYS A 103 29.25 10.05 -2.75
CA LYS A 103 30.01 11.11 -2.14
C LYS A 103 31.40 11.10 -2.76
N GLU A 104 31.85 12.26 -3.22
CA GLU A 104 33.23 12.47 -3.70
C GLU A 104 33.62 13.89 -3.38
N ASN A 105 34.91 14.15 -3.18
CA ASN A 105 35.41 15.52 -2.98
C ASN A 105 34.74 16.22 -1.78
N GLY A 106 34.43 15.48 -0.70
CA GLY A 106 33.66 16.00 0.45
C GLY A 106 32.18 16.31 0.17
N LYS A 107 31.63 15.92 -0.99
CA LYS A 107 30.27 16.39 -1.35
C LYS A 107 29.35 15.25 -1.84
N TYR A 108 28.05 15.36 -1.56
CA TYR A 108 27.07 14.40 -2.17
C TYR A 108 26.83 14.90 -3.58
N TYR A 109 26.71 13.95 -4.51
CA TYR A 109 26.38 14.22 -5.91
C TYR A 109 25.07 13.53 -6.25
N VAL A 110 24.22 14.17 -7.06
CA VAL A 110 23.08 13.49 -7.58
C VAL A 110 22.90 13.96 -9.02
N TRP A 111 22.43 13.05 -9.88
CA TRP A 111 22.07 13.36 -11.27
C TRP A 111 20.57 13.29 -11.45
N TYR A 112 20.02 14.09 -12.36
CA TYR A 112 18.59 14.12 -12.52
C TYR A 112 18.14 14.61 -13.92
N SER A 113 16.90 14.28 -14.27
CA SER A 113 16.31 14.82 -15.49
C SER A 113 15.96 16.31 -15.29
N LYS A 114 16.21 17.11 -16.32
CA LYS A 114 15.88 18.52 -16.27
C LYS A 114 15.33 18.96 -17.64
N SER A 115 14.15 19.54 -17.61
CA SER A 115 13.56 20.18 -18.78
C SER A 115 12.88 21.51 -18.37
N THR A 116 12.46 22.28 -19.38
CA THR A 116 11.71 23.49 -19.06
C THR A 116 10.43 23.59 -19.83
N GLY A 117 9.52 24.46 -19.43
CA GLY A 117 8.33 24.70 -20.25
C GLY A 117 7.26 23.71 -19.89
N PRO A 118 6.02 24.03 -20.29
CA PRO A 118 4.87 23.22 -20.00
C PRO A 118 4.85 21.93 -20.91
N THR A 119 4.14 20.94 -20.45
CA THR A 119 3.85 19.70 -21.23
C THR A 119 2.46 19.81 -21.88
N GLN A 120 2.42 19.73 -23.24
CA GLN A 120 1.21 19.60 -24.05
C GLN A 120 0.60 18.19 -24.12
N GLY A 121 1.42 17.13 -24.03
CA GLY A 121 0.86 15.79 -24.18
C GLY A 121 0.88 15.45 -25.68
N PHE A 122 0.12 14.44 -26.07
CA PHE A 122 0.18 13.86 -27.45
C PHE A 122 -0.95 14.19 -28.43
N GLY A 123 -1.88 15.06 -28.06
CA GLY A 123 -2.96 15.45 -29.00
C GLY A 123 -2.64 16.44 -30.12
N GLY A 124 -1.40 16.89 -30.25
CA GLY A 124 -1.09 17.96 -31.22
C GLY A 124 0.06 17.63 -32.17
N ASP A 125 0.97 18.57 -32.36
CA ASP A 125 2.06 18.31 -33.28
C ASP A 125 3.26 17.65 -32.51
N ILE A 126 3.48 16.33 -32.66
CA ILE A 126 4.50 15.60 -31.86
C ILE A 126 5.93 16.07 -32.10
N GLU A 127 6.21 16.50 -33.35
CA GLU A 127 7.54 17.04 -33.66
C GLU A 127 7.81 18.33 -32.88
N LYS A 128 6.77 19.09 -32.60
CA LYS A 128 6.91 20.39 -32.00
C LYS A 128 6.71 20.43 -30.46
N ASP A 129 5.73 19.66 -29.97
CA ASP A 129 5.33 19.67 -28.59
C ASP A 129 6.22 18.84 -27.65
N LYS A 130 5.96 19.06 -26.37
CA LYS A 130 6.58 18.40 -25.23
C LYS A 130 5.50 17.40 -24.74
N VAL A 131 5.76 16.09 -24.91
CA VAL A 131 4.69 15.12 -24.77
C VAL A 131 4.53 14.63 -23.33
N PHE A 132 5.64 14.71 -22.58
CA PHE A 132 5.71 14.31 -21.18
C PHE A 132 6.63 15.31 -20.51
N PRO A 133 6.57 15.43 -19.18
CA PRO A 133 7.52 16.31 -18.48
C PRO A 133 8.98 15.85 -18.69
N TRP A 134 9.18 14.55 -19.02
CA TRP A 134 10.55 14.04 -19.22
C TRP A 134 10.95 14.04 -20.69
N ASP A 135 10.05 14.52 -21.56
CA ASP A 135 10.41 14.83 -22.95
C ASP A 135 11.29 16.09 -22.89
N ARG A 136 12.06 16.37 -23.94
CA ARG A 136 12.88 17.62 -24.00
C ARG A 136 13.86 17.76 -22.84
N CYS A 137 14.36 16.64 -22.30
CA CYS A 137 15.27 16.68 -21.15
C CYS A 137 16.72 16.53 -21.51
N ASP A 138 17.54 17.06 -20.60
CA ASP A 138 18.92 16.64 -20.51
C ASP A 138 19.15 16.19 -19.07
N ILE A 139 20.30 15.58 -18.83
N ILE A 139 20.30 15.57 -18.84
CA ILE A 139 20.65 15.18 -17.49
CA ILE A 139 20.68 15.14 -17.51
C ILE A 139 21.60 16.19 -16.86
C ILE A 139 21.59 16.20 -16.87
N TRP A 140 21.17 16.72 -15.72
CA TRP A 140 21.97 17.70 -14.96
C TRP A 140 22.38 17.02 -13.64
N TYR A 141 23.22 17.73 -12.87
CA TYR A 141 23.68 17.21 -11.63
C TYR A 141 23.79 18.30 -10.57
N ALA A 142 23.75 17.89 -9.30
CA ALA A 142 23.83 18.86 -8.20
C ALA A 142 24.71 18.28 -7.10
N THR A 143 25.28 19.14 -6.25
CA THR A 143 26.10 18.68 -5.12
C THR A 143 25.64 19.34 -3.83
N SER A 144 26.05 18.78 -2.69
CA SER A 144 25.58 19.28 -1.39
C SER A 144 26.49 18.76 -0.32
N GLU A 145 26.73 19.60 0.66
CA GLU A 145 27.53 19.21 1.78
C GLU A 145 26.68 18.54 2.82
N ASP A 146 25.39 18.85 2.92
CA ASP A 146 24.57 18.22 3.99
C ASP A 146 23.44 17.31 3.50
N GLY A 147 23.20 17.30 2.19
CA GLY A 147 22.11 16.52 1.65
C GLY A 147 20.80 17.29 1.70
N TRP A 148 20.84 18.57 2.11
CA TRP A 148 19.63 19.41 2.22
C TRP A 148 19.66 20.61 1.27
N THR A 149 20.80 21.32 1.22
CA THR A 149 20.95 22.47 0.31
C THR A 149 21.78 21.96 -0.83
N TRP A 150 21.25 22.06 -2.05
CA TRP A 150 21.92 21.48 -3.20
C TRP A 150 22.18 22.58 -4.21
N LYS A 151 23.39 22.56 -4.77
CA LYS A 151 23.83 23.47 -5.81
C LYS A 151 23.75 22.73 -7.15
N GLU A 152 22.87 23.19 -8.06
CA GLU A 152 22.90 22.68 -9.43
C GLU A 152 24.21 23.14 -10.11
N GLU A 153 25.03 22.16 -10.56
CA GLU A 153 26.35 22.41 -11.06
C GLU A 153 26.30 22.73 -12.52
N GLY A 154 25.53 21.94 -13.28
CA GLY A 154 25.50 22.10 -14.76
C GLY A 154 25.04 20.81 -15.40
N PRO A 155 25.03 20.80 -16.73
CA PRO A 155 24.63 19.59 -17.46
C PRO A 155 25.71 18.53 -17.32
N ALA A 156 25.29 17.28 -17.40
CA ALA A 156 26.22 16.19 -17.39
C ALA A 156 26.15 15.56 -18.79
N VAL A 157 24.94 15.24 -19.24
CA VAL A 157 24.71 14.54 -20.51
C VAL A 157 23.60 15.26 -21.26
N THR A 158 23.84 15.63 -22.51
CA THR A 158 22.79 16.30 -23.27
C THR A 158 22.32 15.50 -24.51
N ARG A 159 21.17 15.90 -25.05
CA ARG A 159 20.63 15.33 -26.27
C ARG A 159 21.66 15.30 -27.41
N GLY A 160 21.69 14.24 -28.21
CA GLY A 160 22.63 14.27 -29.36
C GLY A 160 22.09 15.11 -30.53
N GLU A 161 22.83 15.17 -31.60
CA GLU A 161 22.40 15.90 -32.82
C GLU A 161 21.23 15.24 -33.49
N LYS A 162 20.53 16.02 -34.31
CA LYS A 162 19.33 15.55 -34.96
C LYS A 162 19.63 14.29 -35.74
N GLY A 163 18.79 13.28 -35.55
CA GLY A 163 18.98 12.00 -36.25
C GLY A 163 19.68 10.95 -35.40
N ALA A 164 20.40 11.37 -34.36
CA ALA A 164 21.05 10.38 -33.46
C ALA A 164 20.00 9.68 -32.55
N TYR A 165 20.38 8.57 -31.91
CA TYR A 165 19.39 7.77 -31.16
C TYR A 165 18.88 8.49 -29.88
N ASP A 166 19.59 9.52 -29.47
CA ASP A 166 19.26 10.27 -28.27
C ASP A 166 19.03 11.73 -28.58
N ASP A 167 18.48 12.02 -29.77
CA ASP A 167 18.26 13.45 -30.10
C ASP A 167 17.05 14.07 -29.39
N ARG A 168 16.11 13.27 -28.93
CA ARG A 168 14.84 13.85 -28.46
C ARG A 168 14.86 14.20 -26.94
N SER A 169 15.47 13.33 -26.15
CA SER A 169 15.43 13.47 -24.71
C SER A 169 16.40 12.45 -24.11
N VAL A 170 17.19 12.84 -23.14
CA VAL A 170 17.98 11.88 -22.39
C VAL A 170 17.54 12.16 -20.95
N PHE A 171 17.21 11.10 -20.22
CA PHE A 171 16.39 11.28 -19.01
C PHE A 171 16.32 9.97 -18.24
N THR A 172 16.04 10.09 -16.94
CA THR A 172 15.87 8.96 -16.03
C THR A 172 17.19 8.14 -15.91
N VAL A 173 18.05 8.70 -15.08
CA VAL A 173 19.46 8.34 -15.05
C VAL A 173 19.78 7.65 -13.74
N GLU A 174 20.85 6.83 -13.78
CA GLU A 174 21.44 6.26 -12.56
C GLU A 174 22.95 6.29 -12.67
N ILE A 175 23.64 6.09 -11.56
CA ILE A 175 25.10 6.29 -11.47
C ILE A 175 25.70 4.97 -10.97
N MET A 176 26.87 4.60 -11.50
CA MET A 176 27.60 3.36 -11.10
C MET A 176 29.05 3.82 -11.13
N LYS A 177 29.83 3.33 -10.18
CA LYS A 177 31.28 3.60 -10.15
C LYS A 177 32.01 2.30 -10.18
N TRP A 178 33.03 2.21 -11.05
CA TRP A 178 33.85 1.00 -11.11
C TRP A 178 35.28 1.34 -11.43
N GLU A 179 36.17 0.88 -10.55
CA GLU A 179 37.60 1.11 -10.79
C GLU A 179 37.94 2.55 -11.15
N ASP A 180 37.56 3.48 -10.29
CA ASP A 180 37.92 4.88 -10.54
C ASP A 180 37.27 5.57 -11.77
N LYS A 181 36.39 4.86 -12.50
CA LYS A 181 35.57 5.52 -13.55
C LYS A 181 34.08 5.65 -13.14
N TYR A 182 33.36 6.61 -13.71
CA TYR A 182 31.97 6.88 -13.29
C TYR A 182 31.14 6.65 -14.52
N TYR A 183 29.98 6.00 -14.34
CA TYR A 183 29.10 5.69 -15.44
C TYR A 183 27.68 6.17 -15.16
N LEU A 184 27.04 6.79 -16.13
CA LEU A 184 25.59 7.14 -16.10
C LEU A 184 24.90 6.37 -17.22
N CYS A 185 23.85 5.59 -16.84
CA CYS A 185 22.98 4.94 -17.79
C CYS A 185 21.58 5.62 -17.69
N TYR A 186 20.90 5.80 -18.83
CA TYR A 186 19.71 6.62 -18.87
C TYR A 186 18.92 6.26 -20.05
N GLN A 187 17.69 6.76 -20.07
CA GLN A 187 16.76 6.49 -21.16
C GLN A 187 17.03 7.49 -22.24
N THR A 188 16.80 7.05 -23.48
CA THR A 188 16.97 7.86 -24.69
C THR A 188 15.73 7.67 -25.59
N VAL A 189 15.34 8.71 -26.28
CA VAL A 189 14.32 8.61 -27.26
C VAL A 189 14.81 9.31 -28.49
N LYS A 190 14.51 8.71 -29.64
CA LYS A 190 14.88 9.33 -30.91
C LYS A 190 13.61 9.98 -31.47
N SER A 191 13.70 11.22 -31.87
CA SER A 191 12.49 11.94 -32.31
C SER A 191 11.84 11.25 -33.55
N PRO A 192 10.50 11.27 -33.67
CA PRO A 192 9.51 11.89 -32.79
C PRO A 192 9.11 11.05 -31.57
N TYR A 193 8.78 11.72 -30.46
CA TYR A 193 8.32 11.04 -29.26
C TYR A 193 6.85 10.67 -29.36
N ASN A 194 6.54 9.68 -30.22
CA ASN A 194 5.19 9.19 -30.45
C ASN A 194 4.78 8.29 -29.32
N VAL A 195 3.48 8.08 -29.13
CA VAL A 195 2.99 7.08 -28.16
C VAL A 195 3.72 5.75 -28.32
N ARG A 196 3.87 5.32 -29.59
CA ARG A 196 4.41 4.00 -29.96
C ARG A 196 5.96 3.88 -30.00
N VAL A 197 6.68 4.98 -29.75
CA VAL A 197 8.15 4.96 -29.84
C VAL A 197 8.72 4.02 -28.81
N LYS A 198 9.83 3.35 -29.17
CA LYS A 198 10.54 2.50 -28.20
C LYS A 198 11.72 3.25 -27.71
N ASN A 199 11.83 3.46 -26.40
CA ASN A 199 13.01 4.15 -25.88
C ASN A 199 14.17 3.16 -25.86
N GLN A 200 15.37 3.65 -25.71
CA GLN A 200 16.54 2.79 -25.50
C GLN A 200 17.28 3.27 -24.27
N VAL A 201 18.43 2.66 -23.98
CA VAL A 201 19.21 3.03 -22.87
C VAL A 201 20.57 3.47 -23.38
N GLY A 202 21.01 4.69 -23.00
CA GLY A 202 22.36 5.14 -23.31
C GLY A 202 23.27 4.97 -22.10
N LEU A 203 24.57 5.03 -22.32
CA LEU A 203 25.55 4.91 -21.26
C LEU A 203 26.55 6.02 -21.52
N ALA A 204 26.99 6.73 -20.47
CA ALA A 204 28.07 7.78 -20.58
C ALA A 204 29.13 7.57 -19.46
N TRP A 205 30.40 7.87 -19.74
CA TRP A 205 31.42 7.65 -18.70
C TRP A 205 32.30 8.88 -18.52
N ALA A 206 32.93 8.95 -17.35
CA ALA A 206 33.79 10.06 -16.98
C ALA A 206 34.86 9.67 -15.97
N ASP A 207 35.90 10.48 -15.88
CA ASP A 207 37.02 10.24 -14.92
C ASP A 207 36.85 11.06 -13.62
N SER A 208 35.88 11.97 -13.63
CA SER A 208 35.51 12.67 -12.43
C SER A 208 33.98 12.70 -12.37
N PRO A 209 33.43 12.81 -11.15
CA PRO A 209 31.96 12.86 -11.00
C PRO A 209 31.38 14.20 -11.52
N ASP A 210 32.27 15.17 -11.77
CA ASP A 210 31.87 16.44 -12.32
C ASP A 210 31.87 16.41 -13.85
N GLY A 211 32.21 15.26 -14.46
CA GLY A 211 32.45 15.19 -15.93
C GLY A 211 33.81 15.80 -16.31
N PRO A 212 34.06 16.03 -17.64
CA PRO A 212 33.05 15.89 -18.68
C PRO A 212 32.76 14.40 -18.97
N TRP A 213 31.61 14.14 -19.59
CA TRP A 213 31.17 12.77 -19.87
C TRP A 213 31.27 12.41 -21.33
N THR A 214 31.61 11.17 -21.64
CA THR A 214 31.62 10.70 -23.02
C THR A 214 30.51 9.72 -23.21
N LYS A 215 29.62 9.99 -24.16
CA LYS A 215 28.48 9.15 -24.39
C LYS A 215 28.86 7.95 -25.22
N SER A 216 28.20 6.81 -25.05
CA SER A 216 28.36 5.70 -25.97
C SER A 216 27.80 6.02 -27.36
N GLU A 217 28.50 5.59 -28.42
CA GLU A 217 28.03 5.81 -29.80
C GLU A 217 26.73 5.08 -30.09
N GLU A 218 26.53 3.91 -29.49
CA GLU A 218 25.33 3.09 -29.62
C GLU A 218 24.63 2.85 -28.27
N PRO A 219 23.28 2.72 -28.29
CA PRO A 219 22.56 2.44 -27.03
C PRO A 219 23.10 1.11 -26.46
N ILE A 220 23.00 0.90 -25.14
CA ILE A 220 23.40 -0.40 -24.54
C ILE A 220 22.25 -1.36 -24.31
N LEU A 221 21.00 -0.91 -24.47
CA LEU A 221 19.90 -1.73 -24.22
C LEU A 221 18.73 -1.19 -25.04
N SER A 222 17.94 -2.11 -25.62
CA SER A 222 16.72 -1.78 -26.37
C SER A 222 15.57 -2.72 -25.89
N PRO A 223 14.30 -2.30 -26.09
CA PRO A 223 13.20 -3.18 -25.81
C PRO A 223 13.27 -4.42 -26.68
N ALA A 224 12.51 -5.44 -26.36
CA ALA A 224 12.43 -6.63 -27.21
C ALA A 224 11.93 -6.27 -28.57
N ASP A 225 12.14 -7.16 -29.54
CA ASP A 225 11.81 -6.77 -30.90
C ASP A 225 10.59 -7.51 -31.47
N ASN A 226 9.90 -8.27 -30.62
CA ASN A 226 8.88 -9.18 -31.10
C ASN A 226 7.39 -8.72 -30.99
N GLY A 227 7.11 -7.51 -30.48
CA GLY A 227 5.71 -7.03 -30.58
C GLY A 227 5.39 -6.54 -31.95
N VAL A 228 4.09 -6.46 -32.28
CA VAL A 228 3.67 -6.00 -33.58
C VAL A 228 2.43 -5.16 -33.37
N TRP A 229 2.48 -3.92 -33.84
CA TRP A 229 1.37 -3.00 -33.67
C TRP A 229 0.21 -3.38 -34.57
N LYS A 230 -0.98 -2.94 -34.19
CA LYS A 230 -2.16 -3.06 -35.06
C LYS A 230 -2.60 -1.66 -35.50
N GLY A 231 -2.75 -1.49 -36.82
CA GLY A 231 -3.32 -0.25 -37.36
C GLY A 231 -2.30 0.85 -37.25
N GLU A 232 -2.75 2.06 -37.58
CA GLU A 232 -1.85 3.19 -37.72
C GLU A 232 -2.04 4.22 -36.59
N GLU A 233 -3.09 4.02 -35.77
CA GLU A 233 -3.39 4.93 -34.67
C GLU A 233 -2.28 4.81 -33.66
N GLN A 234 -1.92 5.95 -33.10
CA GLN A 234 -0.94 6.01 -32.04
C GLN A 234 -1.59 5.58 -30.73
N ASP A 235 -1.55 4.30 -30.48
CA ASP A 235 -2.31 3.65 -29.43
C ASP A 235 -1.45 2.47 -28.99
N ARG A 236 -0.94 2.55 -27.76
CA ARG A 236 0.01 1.54 -27.28
C ARG A 236 -0.70 0.28 -26.85
N PHE A 237 -2.04 0.32 -26.82
CA PHE A 237 -2.83 -0.86 -26.49
C PHE A 237 -3.24 -1.75 -27.68
N ALA A 238 -3.16 -1.24 -28.91
CA ALA A 238 -3.67 -1.98 -30.06
C ALA A 238 -2.51 -2.77 -30.71
N VAL A 239 -2.51 -4.08 -30.57
CA VAL A 239 -1.41 -4.89 -31.12
C VAL A 239 -1.96 -6.12 -31.87
N ILE A 240 -1.17 -6.67 -32.79
CA ILE A 240 -1.40 -8.01 -33.32
C ILE A 240 -0.72 -9.05 -32.44
N LYS A 241 0.43 -8.68 -31.89
CA LYS A 241 1.22 -9.57 -31.02
C LYS A 241 1.88 -8.67 -29.93
N LYS A 242 1.72 -9.03 -28.66
CA LYS A 242 2.31 -8.21 -27.59
C LYS A 242 3.87 -8.29 -27.49
N GLY A 243 4.45 -9.44 -27.84
CA GLY A 243 5.91 -9.60 -27.68
C GLY A 243 6.23 -9.81 -26.23
N ASP A 244 7.54 -9.82 -25.90
CA ASP A 244 7.93 -9.99 -24.54
C ASP A 244 7.41 -8.86 -23.58
N PHE A 245 7.65 -9.08 -22.28
CA PHE A 245 7.27 -8.17 -21.21
C PHE A 245 7.87 -6.77 -21.35
N ASP A 246 9.03 -6.67 -22.03
CA ASP A 246 9.67 -5.39 -22.34
C ASP A 246 9.64 -5.09 -23.83
N SER A 247 8.54 -5.43 -24.51
CA SER A 247 8.42 -5.17 -25.97
C SER A 247 8.23 -3.71 -26.37
N HIS A 248 7.81 -2.88 -25.40
CA HIS A 248 7.66 -1.42 -25.60
C HIS A 248 8.76 -0.54 -25.03
N LYS A 249 9.10 -0.75 -23.74
CA LYS A 249 9.96 0.22 -23.07
C LYS A 249 10.91 -0.53 -22.19
N VAL A 250 12.09 0.03 -22.00
CA VAL A 250 13.07 -0.44 -21.03
C VAL A 250 13.47 0.74 -20.10
N HIS A 251 12.94 0.75 -18.89
CA HIS A 251 12.97 1.93 -18.09
C HIS A 251 13.79 1.81 -16.83
N ASP A 252 14.14 3.00 -16.25
CA ASP A 252 14.83 3.06 -14.97
C ASP A 252 16.09 2.17 -14.96
N PRO A 253 16.92 2.27 -15.99
CA PRO A 253 18.15 1.44 -15.97
C PRO A 253 19.02 1.67 -14.75
N CYS A 254 19.46 0.60 -14.08
CA CYS A 254 20.35 0.76 -12.95
C CYS A 254 21.39 -0.34 -12.97
N ILE A 255 22.65 0.03 -12.90
CA ILE A 255 23.70 -1.00 -13.05
C ILE A 255 24.38 -1.22 -11.72
N ILE A 256 24.39 -2.48 -11.26
CA ILE A 256 25.05 -2.85 -10.03
C ILE A 256 26.25 -3.77 -10.40
N PRO A 257 27.49 -3.31 -10.08
CA PRO A 257 28.63 -4.22 -10.16
C PRO A 257 28.36 -5.38 -9.22
N TYR A 258 28.26 -6.59 -9.76
CA TYR A 258 27.90 -7.73 -8.93
C TYR A 258 28.59 -9.03 -9.47
N LYS A 259 29.23 -9.82 -8.59
CA LYS A 259 29.89 -11.08 -9.01
C LYS A 259 30.86 -10.96 -10.18
N GLY A 260 31.67 -9.92 -10.16
CA GLY A 260 32.61 -9.54 -11.25
C GLY A 260 32.00 -9.11 -12.57
N LYS A 261 30.69 -8.89 -12.63
CA LYS A 261 30.05 -8.62 -13.91
C LYS A 261 29.21 -7.38 -13.65
N PHE A 262 28.33 -6.99 -14.59
CA PHE A 262 27.56 -5.74 -14.40
C PHE A 262 26.11 -6.09 -14.63
N TYR A 263 25.29 -5.93 -13.58
CA TYR A 263 23.90 -6.33 -13.66
C TYR A 263 23.06 -5.09 -13.86
N LEU A 264 22.52 -4.97 -15.06
CA LEU A 264 21.67 -3.81 -15.36
C LEU A 264 20.21 -4.24 -15.16
N TYR A 265 19.59 -3.75 -14.11
CA TYR A 265 18.21 -4.07 -13.79
C TYR A 265 17.35 -3.03 -14.50
N TYR A 266 16.20 -3.42 -14.99
CA TYR A 266 15.38 -2.47 -15.71
C TYR A 266 13.92 -2.81 -15.65
N LYS A 267 13.09 -1.83 -15.99
CA LYS A 267 11.62 -2.11 -16.00
C LYS A 267 11.07 -2.22 -17.42
N GLY A 268 10.41 -3.34 -17.76
CA GLY A 268 9.85 -3.40 -19.09
C GLY A 268 8.41 -2.91 -19.08
N GLU A 269 8.01 -2.16 -20.09
CA GLU A 269 6.60 -2.08 -20.37
C GLU A 269 6.35 -2.80 -21.68
N GLN A 270 5.22 -3.45 -21.73
CA GLN A 270 4.88 -4.28 -22.84
C GLN A 270 3.89 -3.56 -23.80
N MET A 271 4.05 -3.83 -25.12
CA MET A 271 3.05 -3.44 -26.10
C MET A 271 1.76 -4.15 -25.74
N GLY A 272 0.65 -3.41 -25.80
CA GLY A 272 -0.65 -3.95 -25.42
C GLY A 272 -0.84 -4.29 -23.94
N GLU A 273 -0.13 -3.57 -23.08
CA GLU A 273 -0.12 -3.80 -21.64
C GLU A 273 -1.56 -4.03 -21.14
N ALA A 274 -1.73 -5.05 -20.29
CA ALA A 274 -3.03 -5.42 -19.66
C ALA A 274 -3.11 -4.87 -18.20
N ILE A 275 -4.33 -4.73 -17.68
CA ILE A 275 -4.55 -4.56 -16.24
C ILE A 275 -5.01 -5.91 -15.61
N THR A 276 -4.34 -6.34 -14.52
CA THR A 276 -4.70 -7.59 -13.84
C THR A 276 -5.36 -7.30 -12.47
N PHE A 277 -5.75 -8.35 -11.75
CA PHE A 277 -6.24 -8.20 -10.37
C PHE A 277 -5.26 -7.38 -9.55
N GLY A 278 -4.01 -7.25 -10.03
CA GLY A 278 -3.00 -6.46 -9.29
C GLY A 278 -2.60 -5.14 -9.94
N GLY A 279 -3.38 -4.73 -10.94
CA GLY A 279 -3.11 -3.50 -11.61
C GLY A 279 -2.32 -3.62 -12.92
N ARG A 280 -1.66 -2.53 -13.29
CA ARG A 280 -0.83 -2.54 -14.51
C ARG A 280 0.17 -3.68 -14.53
N GLN A 281 0.27 -4.32 -15.67
CA GLN A 281 1.09 -5.49 -15.75
C GLN A 281 2.49 -5.03 -16.22
N ILE A 282 3.38 -4.80 -15.25
CA ILE A 282 4.70 -4.29 -15.42
C ILE A 282 5.64 -5.27 -14.69
N ARG A 283 6.82 -5.56 -15.27
CA ARG A 283 7.74 -6.54 -14.67
C ARG A 283 9.17 -6.06 -14.95
N HIS A 284 10.09 -6.52 -14.14
CA HIS A 284 11.48 -6.14 -14.20
C HIS A 284 12.35 -7.22 -14.86
N GLY A 285 13.39 -6.77 -15.52
CA GLY A 285 14.35 -7.65 -16.14
C GLY A 285 15.74 -7.29 -15.65
N VAL A 286 16.69 -8.15 -16.00
CA VAL A 286 18.09 -7.80 -15.83
C VAL A 286 18.82 -8.14 -17.15
N ALA A 287 19.87 -7.38 -17.47
CA ALA A 287 20.81 -7.78 -18.50
C ALA A 287 22.21 -7.74 -17.91
N ILE A 288 23.07 -8.71 -18.28
CA ILE A 288 24.35 -8.86 -17.59
C ILE A 288 25.52 -8.61 -18.58
N ALA A 289 26.46 -7.74 -18.21
CA ALA A 289 27.69 -7.58 -19.05
C ALA A 289 28.94 -8.05 -18.35
N ASP A 290 29.95 -8.53 -19.11
CA ASP A 290 31.30 -8.82 -18.58
C ASP A 290 32.05 -7.57 -18.25
N ASN A 291 31.74 -6.48 -18.91
CA ASN A 291 32.48 -5.22 -18.73
C ASN A 291 31.49 -4.04 -18.68
N PRO A 292 31.88 -2.92 -18.04
CA PRO A 292 30.91 -1.82 -17.79
C PRO A 292 30.24 -1.30 -19.05
N LYS A 293 31.03 -1.21 -20.14
CA LYS A 293 30.49 -0.67 -21.36
C LYS A 293 29.72 -1.70 -22.17
N GLY A 294 29.63 -2.93 -21.70
CA GLY A 294 28.79 -3.92 -22.38
C GLY A 294 29.59 -4.99 -23.09
N PRO A 295 28.94 -5.84 -23.91
CA PRO A 295 27.50 -5.89 -24.22
C PRO A 295 26.62 -6.44 -23.08
N TYR A 296 25.44 -5.85 -22.88
CA TYR A 296 24.55 -6.29 -21.80
C TYR A 296 23.60 -7.27 -22.44
N VAL A 297 23.60 -8.51 -21.96
CA VAL A 297 22.78 -9.54 -22.52
C VAL A 297 21.66 -9.92 -21.53
N LYS A 298 20.42 -9.81 -21.97
CA LYS A 298 19.30 -10.04 -21.12
C LYS A 298 19.26 -11.51 -20.63
N SER A 299 18.96 -11.67 -19.35
CA SER A 299 18.92 -12.97 -18.72
C SER A 299 17.76 -13.80 -19.23
N PRO A 300 18.03 -15.08 -19.50
CA PRO A 300 16.98 -16.03 -19.88
C PRO A 300 15.90 -16.10 -18.78
N TYR A 301 16.25 -15.76 -17.54
CA TYR A 301 15.29 -15.78 -16.41
C TYR A 301 14.29 -14.59 -16.37
N ASN A 302 14.40 -13.67 -17.34
CA ASN A 302 13.49 -12.52 -17.41
C ASN A 302 12.04 -12.99 -17.61
N PRO A 303 11.07 -12.37 -16.93
CA PRO A 303 11.22 -11.27 -15.96
C PRO A 303 11.63 -11.82 -14.62
N ILE A 304 12.48 -11.09 -13.89
CA ILE A 304 12.94 -11.49 -12.57
C ILE A 304 12.10 -10.86 -11.43
N SER A 305 11.08 -10.08 -11.83
CA SER A 305 9.93 -9.77 -10.94
C SER A 305 8.64 -10.10 -11.64
N ASN A 306 7.55 -10.23 -10.88
CA ASN A 306 6.24 -10.28 -11.56
C ASN A 306 5.44 -9.00 -11.37
N SER A 307 6.02 -8.04 -10.67
CA SER A 307 5.29 -6.82 -10.32
C SER A 307 6.31 -5.64 -10.28
N GLY A 308 5.80 -4.45 -10.00
CA GLY A 308 6.69 -3.29 -9.64
C GLY A 308 6.64 -2.23 -10.75
N HIS A 309 7.47 -1.19 -10.63
CA HIS A 309 7.42 -0.12 -11.58
C HIS A 309 8.82 0.45 -11.56
N GLU A 310 9.13 1.40 -10.70
CA GLU A 310 10.46 1.96 -10.58
C GLU A 310 11.49 0.86 -10.18
N ILE A 311 12.74 1.08 -10.54
CA ILE A 311 13.84 0.13 -10.15
C ILE A 311 14.54 0.71 -8.97
N CYS A 312 14.61 -0.02 -7.87
CA CYS A 312 15.31 0.49 -6.70
C CYS A 312 15.99 -0.73 -6.11
N VAL A 313 17.29 -0.84 -6.33
CA VAL A 313 17.99 -2.12 -6.04
C VAL A 313 19.34 -1.85 -5.41
N TRP A 314 19.81 -2.82 -4.62
CA TRP A 314 21.09 -2.66 -3.98
C TRP A 314 21.65 -4.00 -3.57
N PRO A 315 22.98 -4.16 -3.69
CA PRO A 315 23.66 -5.37 -3.17
C PRO A 315 23.56 -5.42 -1.67
N TYR A 316 23.36 -6.61 -1.08
CA TYR A 316 23.24 -6.74 0.36
C TYR A 316 23.55 -8.16 0.72
N ASN A 317 24.55 -8.36 1.60
CA ASN A 317 24.85 -9.78 2.06
C ASN A 317 25.03 -10.79 0.94
N GLY A 318 25.81 -10.42 -0.08
CA GLY A 318 26.11 -11.32 -1.20
C GLY A 318 25.02 -11.38 -2.24
N GLY A 319 23.88 -10.72 -1.99
CA GLY A 319 22.80 -10.83 -3.02
C GLY A 319 22.35 -9.44 -3.42
N ILE A 320 21.12 -9.35 -3.93
CA ILE A 320 20.56 -8.06 -4.44
C ILE A 320 19.15 -7.87 -3.83
N ALA A 321 18.95 -6.75 -3.15
CA ALA A 321 17.63 -6.39 -2.57
C ALA A 321 16.92 -5.45 -3.58
N SER A 322 15.59 -5.44 -3.54
CA SER A 322 14.84 -4.69 -4.53
C SER A 322 13.51 -4.28 -3.95
N LEU A 323 13.19 -3.01 -4.09
CA LEU A 323 11.94 -2.46 -3.54
C LEU A 323 10.92 -2.46 -4.68
N ILE A 324 9.83 -3.23 -4.51
CA ILE A 324 8.86 -3.38 -5.55
C ILE A 324 7.68 -2.48 -5.16
N THR A 325 7.32 -1.55 -6.03
CA THR A 325 6.24 -0.60 -5.71
C THR A 325 5.25 -0.32 -6.85
N THR A 326 4.11 0.33 -6.52
CA THR A 326 3.24 0.97 -7.52
C THR A 326 2.27 0.03 -8.23
N ASP A 327 2.80 -0.98 -8.87
CA ASP A 327 1.99 -1.76 -9.77
C ASP A 327 2.15 -3.27 -9.51
N GLY A 328 1.08 -4.05 -9.71
CA GLY A 328 1.25 -5.51 -9.59
C GLY A 328 0.88 -6.14 -8.28
N PRO A 329 0.68 -7.47 -8.30
CA PRO A 329 0.28 -8.18 -7.08
C PRO A 329 1.28 -8.18 -5.97
N GLU A 330 2.56 -7.97 -6.26
CA GLU A 330 3.59 -7.92 -5.18
C GLU A 330 4.09 -6.51 -4.96
N LYS A 331 3.32 -5.51 -5.39
CA LYS A 331 3.71 -4.13 -5.08
C LYS A 331 3.83 -3.99 -3.58
N ASN A 332 4.53 -2.94 -3.09
CA ASN A 332 4.81 -2.69 -1.67
C ASN A 332 5.47 -3.82 -0.91
N THR A 333 6.46 -4.46 -1.56
CA THR A 333 7.29 -5.45 -0.90
C THR A 333 8.77 -5.10 -1.04
N ILE A 334 9.57 -5.57 -0.10
CA ILE A 334 11.02 -5.54 -0.28
C ILE A 334 11.43 -6.99 -0.46
N GLN A 335 12.20 -7.24 -1.53
CA GLN A 335 12.54 -8.59 -1.98
C GLN A 335 14.05 -8.68 -2.06
N TRP A 336 14.57 -9.91 -1.96
CA TRP A 336 16.03 -10.16 -1.93
C TRP A 336 16.32 -11.47 -2.70
N ALA A 337 17.32 -11.43 -3.59
CA ALA A 337 17.73 -12.61 -4.32
C ALA A 337 19.21 -12.94 -3.89
N PRO A 338 19.48 -14.19 -3.51
CA PRO A 338 20.87 -14.58 -3.17
C PRO A 338 21.82 -14.48 -4.40
N ASP A 339 21.28 -14.42 -5.60
CA ASP A 339 22.07 -14.54 -6.86
C ASP A 339 21.64 -13.45 -7.87
N GLY A 340 20.86 -12.47 -7.40
CA GLY A 340 20.44 -11.32 -8.23
C GLY A 340 19.36 -11.67 -9.23
N ILE A 341 18.88 -12.89 -9.13
CA ILE A 341 17.93 -13.39 -10.12
C ILE A 341 16.59 -13.89 -9.50
N ASN A 342 16.71 -14.60 -8.39
CA ASN A 342 15.56 -15.32 -7.78
C ASN A 342 15.18 -14.60 -6.50
N PHE A 343 14.26 -13.64 -6.63
CA PHE A 343 13.83 -12.79 -5.53
C PHE A 343 12.66 -13.40 -4.72
N GLU A 344 12.82 -13.36 -3.41
CA GLU A 344 11.84 -13.81 -2.41
C GLU A 344 11.34 -12.59 -1.59
N ILE A 345 10.07 -12.62 -1.21
CA ILE A 345 9.51 -11.53 -0.44
C ILE A 345 10.09 -11.47 0.95
N LYS A 346 10.64 -10.32 1.36
CA LYS A 346 11.15 -10.19 2.70
C LYS A 346 10.31 -9.33 3.60
N SER A 347 9.50 -8.43 3.02
CA SER A 347 8.52 -7.67 3.86
C SER A 347 7.37 -7.21 2.97
N VAL A 348 6.25 -6.89 3.60
CA VAL A 348 5.07 -6.26 2.89
C VAL A 348 4.83 -5.01 3.72
N ILE A 349 5.06 -3.82 3.12
CA ILE A 349 5.08 -2.58 3.83
C ILE A 349 3.93 -1.67 3.37
N PRO A 350 3.60 -0.65 4.15
CA PRO A 350 2.54 0.33 3.74
C PRO A 350 2.92 1.04 2.44
N GLY A 351 1.93 1.53 1.71
CA GLY A 351 2.12 2.05 0.36
C GLY A 351 3.15 3.14 0.47
N VAL A 352 4.11 3.10 -0.45
CA VAL A 352 5.32 3.91 -0.34
C VAL A 352 5.14 5.28 -0.97
N ASN A 353 5.43 6.34 -0.21
CA ASN A 353 5.11 7.65 -0.70
C ASN A 353 6.24 8.24 -1.54
N ALA A 354 7.44 7.69 -1.39
CA ALA A 354 8.60 8.23 -2.05
C ALA A 354 8.78 7.42 -3.35
N HIS A 355 8.33 7.92 -4.49
CA HIS A 355 8.47 7.21 -5.79
C HIS A 355 9.85 7.42 -6.42
N ALA A 356 10.26 6.51 -7.31
CA ALA A 356 11.50 6.69 -8.08
C ALA A 356 12.68 7.06 -7.18
N ILE A 357 12.88 6.28 -6.14
CA ILE A 357 13.86 6.62 -5.12
C ILE A 357 15.28 6.67 -5.73
N GLY A 358 16.03 7.70 -5.36
CA GLY A 358 17.44 7.64 -5.60
C GLY A 358 18.12 7.22 -4.31
N LEU A 359 18.77 6.06 -4.34
CA LEU A 359 19.26 5.48 -3.09
C LEU A 359 20.48 6.18 -2.51
N ASN A 360 20.53 6.33 -1.19
CA ASN A 360 21.76 6.78 -0.54
C ASN A 360 22.89 5.70 -0.53
N ARG A 361 23.63 5.62 -1.65
CA ARG A 361 24.75 4.64 -1.71
C ARG A 361 25.93 4.90 -0.75
N THR A 362 25.96 6.08 -0.10
CA THR A 362 27.00 6.36 0.87
C THR A 362 26.68 5.75 2.23
N ALA A 363 25.49 5.20 2.43
CA ALA A 363 25.13 4.62 3.74
C ALA A 363 25.97 3.36 4.03
N ASP A 364 25.96 2.94 5.29
CA ASP A 364 26.61 1.69 5.62
C ASP A 364 25.64 0.53 5.22
N VAL A 365 25.59 0.24 3.92
CA VAL A 365 24.53 -0.65 3.34
C VAL A 365 24.44 -2.02 4.02
N GLU A 366 25.60 -2.61 4.30
CA GLU A 366 25.68 -3.96 4.90
C GLU A 366 25.30 -3.99 6.39
N LYS A 367 25.11 -2.84 7.01
CA LYS A 367 24.75 -2.89 8.41
C LYS A 367 23.44 -3.70 8.69
N GLU A 368 22.44 -3.56 7.81
CA GLU A 368 21.08 -3.98 8.10
C GLU A 368 20.40 -3.94 6.73
N PRO A 369 19.48 -4.89 6.41
CA PRO A 369 18.86 -4.90 5.09
C PRO A 369 18.41 -3.54 4.58
N THR A 370 17.83 -2.68 5.44
CA THR A 370 17.23 -1.44 4.94
C THR A 370 17.97 -0.18 5.38
N GLU A 371 19.19 -0.37 5.89
CA GLU A 371 19.99 0.76 6.32
C GLU A 371 20.13 1.77 5.18
N ILE A 372 20.29 1.30 3.96
CA ILE A 372 20.45 2.19 2.80
C ILE A 372 19.21 3.13 2.64
N LEU A 373 18.03 2.67 3.06
CA LEU A 373 16.75 3.47 2.94
C LEU A 373 16.47 4.47 4.13
N ARG A 374 17.38 4.57 5.09
CA ARG A 374 17.17 5.58 6.18
C ARG A 374 16.85 6.99 5.64
N TRP A 375 17.59 7.46 4.65
CA TRP A 375 17.22 8.67 3.89
C TRP A 375 17.61 8.51 2.39
N GLY A 376 16.95 9.24 1.50
CA GLY A 376 17.45 9.34 0.14
C GLY A 376 16.63 10.39 -0.57
N LEU A 377 16.68 10.33 -1.89
CA LEU A 377 16.00 11.37 -2.69
C LEU A 377 14.87 10.81 -3.44
N THR A 378 13.93 11.66 -3.86
CA THR A 378 12.73 11.20 -4.53
C THR A 378 12.14 12.44 -5.25
N HIS A 379 10.88 12.46 -5.63
CA HIS A 379 10.34 13.72 -6.24
C HIS A 379 8.86 13.76 -5.97
N ILE A 380 8.20 14.83 -6.47
CA ILE A 380 6.85 15.02 -6.15
C ILE A 380 6.27 15.81 -7.29
N TYR A 381 5.04 15.48 -7.60
CA TYR A 381 4.26 16.17 -8.63
C TYR A 381 3.64 17.36 -7.99
N ASN A 382 4.38 18.45 -7.97
CA ASN A 382 3.76 19.73 -7.62
C ASN A 382 2.54 19.99 -8.48
N ASN A 383 2.68 19.69 -9.77
CA ASN A 383 1.58 19.84 -10.72
C ASN A 383 1.95 19.07 -11.99
N GLY A 384 1.01 19.03 -12.94
CA GLY A 384 1.17 18.25 -14.14
C GLY A 384 2.41 18.64 -14.97
N ASP A 385 2.76 19.93 -14.97
CA ASP A 385 3.90 20.40 -15.79
C ASP A 385 5.24 20.27 -15.09
N TYR A 386 5.30 20.70 -13.84
CA TYR A 386 6.54 20.86 -13.14
C TYR A 386 6.58 19.96 -11.93
N GLN A 387 7.69 19.24 -11.78
CA GLN A 387 7.95 18.39 -10.59
C GLN A 387 9.27 18.83 -9.92
N SER A 388 9.52 18.42 -8.68
CA SER A 388 10.73 18.78 -8.05
C SER A 388 11.28 17.56 -7.27
N ILE A 389 12.59 17.55 -7.05
CA ILE A 389 13.25 16.54 -6.23
C ILE A 389 12.96 16.80 -4.73
N MET A 390 12.74 15.72 -3.97
CA MET A 390 12.40 15.83 -2.53
C MET A 390 13.28 14.83 -1.75
N ARG A 391 13.37 14.99 -0.43
CA ARG A 391 14.16 14.10 0.41
C ARG A 391 13.19 13.27 1.26
N PHE A 392 13.47 11.99 1.47
CA PHE A 392 12.59 11.15 2.27
C PHE A 392 13.38 10.54 3.44
N SER A 393 12.65 9.99 4.42
CA SER A 393 13.29 9.20 5.48
C SER A 393 12.46 7.96 5.63
N SER A 394 13.06 6.90 6.20
CA SER A 394 12.27 5.75 6.61
C SER A 394 12.87 5.18 7.87
N GLU A 395 12.07 4.39 8.61
CA GLU A 395 12.56 3.75 9.82
C GLU A 395 11.96 2.37 9.89
N ARG A 396 12.65 1.47 10.57
CA ARG A 396 11.99 0.25 11.04
C ARG A 396 10.91 0.61 12.05
N LYS A 397 9.94 -0.29 12.25
CA LYS A 397 8.92 -0.05 13.28
C LYS A 397 9.37 -0.71 14.59
N THR A 398 9.27 0.01 15.74
CA THR A 398 9.56 -0.65 17.06
C THR A 398 8.44 -0.51 18.13
N ARG A 399 7.97 -1.67 18.67
CA ARG A 399 6.81 -1.78 19.65
C ARG A 399 6.73 -0.82 20.86
N VAL B 37 6.07 -27.50 -10.12
CA VAL B 37 5.83 -26.43 -11.16
C VAL B 37 5.07 -26.88 -12.43
N THR B 38 3.81 -26.46 -12.57
CA THR B 38 3.07 -26.64 -13.83
C THR B 38 2.89 -25.31 -14.53
N PHE B 39 2.54 -25.35 -15.81
CA PHE B 39 2.16 -24.14 -16.54
C PHE B 39 1.40 -24.49 -17.79
N THR B 40 0.60 -23.57 -18.30
CA THR B 40 0.05 -23.79 -19.61
C THR B 40 0.67 -22.77 -20.54
N PRO B 41 0.71 -23.03 -21.86
CA PRO B 41 0.93 -22.07 -22.96
C PRO B 41 0.32 -20.69 -22.74
N GLU B 42 -0.97 -20.68 -22.41
CA GLU B 42 -1.71 -19.45 -22.18
C GLU B 42 -1.27 -18.64 -20.93
N GLN B 43 -0.92 -19.33 -19.83
CA GLN B 43 -0.33 -18.69 -18.64
C GLN B 43 0.98 -18.02 -18.97
N ILE B 44 1.85 -18.77 -19.64
CA ILE B 44 3.19 -18.28 -19.97
C ILE B 44 3.08 -16.97 -20.76
N ASP B 45 2.14 -16.94 -21.69
CA ASP B 45 1.92 -15.78 -22.53
C ASP B 45 1.25 -14.65 -21.70
N HIS B 46 0.26 -15.03 -20.88
CA HIS B 46 -0.44 -14.00 -20.06
C HIS B 46 0.55 -13.25 -19.13
N LEU B 47 1.42 -14.03 -18.49
CA LEU B 47 2.44 -13.57 -17.54
C LEU B 47 3.70 -12.95 -18.13
N GLY B 48 3.81 -12.97 -19.45
CA GLY B 48 4.98 -12.52 -20.16
C GLY B 48 6.27 -13.24 -19.77
N ILE B 49 6.20 -14.53 -19.53
CA ILE B 49 7.41 -15.27 -19.15
C ILE B 49 8.25 -15.57 -20.41
N THR B 50 9.55 -15.25 -20.39
CA THR B 50 10.32 -15.33 -21.63
C THR B 50 10.74 -16.77 -22.03
N ASP B 51 11.05 -17.63 -21.07
CA ASP B 51 11.63 -18.94 -21.38
C ASP B 51 11.30 -19.90 -20.29
N THR B 52 10.56 -20.96 -20.61
CA THR B 52 10.14 -21.94 -19.59
C THR B 52 11.27 -22.85 -19.03
N ASN B 53 12.43 -22.89 -19.70
CA ASN B 53 13.62 -23.57 -19.13
C ASN B 53 14.35 -22.81 -18.08
N HIS B 54 14.09 -21.49 -18.03
CA HIS B 54 14.76 -20.63 -17.06
C HIS B 54 13.73 -19.73 -16.31
N LEU B 55 12.92 -20.36 -15.45
CA LEU B 55 11.87 -19.65 -14.67
C LEU B 55 12.43 -19.02 -13.42
N SER B 56 12.24 -17.70 -13.29
CA SER B 56 12.69 -16.97 -12.12
C SER B 56 11.81 -17.34 -10.94
N ALA B 57 12.33 -17.12 -9.73
CA ALA B 57 11.53 -17.33 -8.49
C ALA B 57 10.18 -16.58 -8.58
N ALA B 58 10.19 -15.41 -9.21
CA ALA B 58 9.04 -14.49 -9.26
C ALA B 58 8.09 -15.03 -10.25
N SER B 59 8.63 -15.46 -11.38
CA SER B 59 7.81 -16.10 -12.42
C SER B 59 7.12 -17.35 -11.87
N LYS B 60 7.81 -18.09 -11.01
CA LYS B 60 7.19 -19.32 -10.44
C LYS B 60 6.06 -18.90 -9.46
N ARG B 61 6.25 -17.80 -8.74
CA ARG B 61 5.16 -17.29 -7.88
C ARG B 61 3.96 -16.87 -8.72
N ALA B 62 4.19 -16.22 -9.85
CA ALA B 62 3.09 -15.77 -10.71
C ALA B 62 2.28 -16.91 -11.34
N LEU B 63 2.98 -18.03 -11.56
CA LEU B 63 2.29 -19.25 -12.04
C LEU B 63 1.32 -19.81 -11.01
N LYS B 64 1.45 -19.45 -9.74
CA LYS B 64 0.50 -19.94 -8.74
C LYS B 64 -0.74 -19.06 -8.72
N TRP B 65 -0.69 -17.84 -9.30
CA TRP B 65 -1.88 -16.99 -9.34
C TRP B 65 -3.01 -17.75 -10.02
N PRO B 66 -4.25 -17.54 -9.56
CA PRO B 66 -5.40 -18.20 -10.18
C PRO B 66 -5.60 -17.75 -11.64
N THR B 67 -5.68 -18.67 -12.58
CA THR B 67 -5.78 -18.22 -13.99
C THR B 67 -7.17 -17.72 -14.42
N ASP B 68 -8.21 -17.92 -13.63
CA ASP B 68 -9.52 -17.36 -14.01
C ASP B 68 -9.90 -16.03 -13.29
N LEU B 69 -8.97 -15.39 -12.60
CA LEU B 69 -9.27 -14.21 -11.84
C LEU B 69 -9.04 -13.02 -12.76
N GLY B 70 -10.11 -12.31 -13.07
CA GLY B 70 -10.08 -11.17 -13.91
C GLY B 70 -9.64 -9.97 -13.12
N ASN B 71 -9.82 -8.79 -13.70
CA ASN B 71 -9.38 -7.54 -13.10
C ASN B 71 -10.50 -6.71 -12.49
N GLU B 72 -11.69 -7.29 -12.33
CA GLU B 72 -12.84 -6.46 -11.92
C GLU B 72 -12.93 -6.07 -10.43
N TRP B 73 -12.02 -6.57 -9.58
CA TRP B 73 -11.97 -6.13 -8.19
C TRP B 73 -10.86 -5.10 -8.00
N PHE B 74 -10.13 -4.80 -9.07
CA PHE B 74 -9.08 -3.77 -8.97
C PHE B 74 -9.59 -2.34 -9.00
N ILE B 75 -9.37 -1.61 -7.90
CA ILE B 75 -9.84 -0.23 -7.82
C ILE B 75 -8.79 0.75 -7.32
N GLN B 76 -9.01 2.03 -7.56
CA GLN B 76 -8.20 3.08 -6.95
C GLN B 76 -9.10 4.02 -6.16
N PHE B 77 -8.73 4.32 -4.91
CA PHE B 77 -9.45 5.38 -4.19
C PHE B 77 -9.05 6.79 -4.62
N GLY B 78 -10.02 7.72 -4.67
CA GLY B 78 -9.70 9.12 -4.88
C GLY B 78 -9.23 9.74 -3.56
N PRO B 79 -8.85 11.00 -3.58
CA PRO B 79 -8.46 11.66 -2.31
C PRO B 79 -9.65 11.87 -1.31
N LEU B 80 -9.43 11.79 0.02
CA LEU B 80 -10.47 12.03 1.00
C LEU B 80 -11.09 13.42 0.82
N GLN B 81 -12.42 13.53 0.94
CA GLN B 81 -13.07 14.82 0.78
C GLN B 81 -13.74 15.17 2.09
N PRO B 82 -13.64 16.42 2.49
CA PRO B 82 -14.30 16.86 3.71
C PRO B 82 -15.82 16.94 3.57
N LEU B 83 -16.46 16.84 4.71
CA LEU B 83 -17.91 16.98 4.87
C LEU B 83 -18.23 18.41 5.37
N LYS B 84 -19.45 18.87 5.11
CA LYS B 84 -19.93 20.20 5.52
C LYS B 84 -20.97 20.03 6.62
N GLY B 85 -21.34 21.14 7.26
CA GLY B 85 -22.30 21.14 8.38
C GLY B 85 -21.55 20.66 9.58
N ASP B 86 -22.20 19.95 10.49
CA ASP B 86 -21.63 19.54 11.73
C ASP B 86 -20.49 18.49 11.69
N LEU B 87 -20.28 17.84 10.54
CA LEU B 87 -19.21 16.85 10.36
C LEU B 87 -17.95 17.43 9.63
N ALA B 88 -17.92 18.75 9.49
CA ALA B 88 -16.65 19.46 9.22
C ALA B 88 -15.76 19.26 10.42
N TYR B 89 -14.46 19.35 10.18
CA TYR B 89 -13.51 19.30 11.30
C TYR B 89 -13.93 20.33 12.33
N GLU B 90 -13.86 19.97 13.61
CA GLU B 90 -14.21 20.88 14.72
C GLU B 90 -13.15 20.78 15.81
N GLU B 91 -12.27 21.80 15.88
CA GLU B 91 -11.22 21.84 16.90
C GLU B 91 -11.80 21.52 18.26
N GLY B 92 -11.17 20.63 19.03
CA GLY B 92 -11.72 20.25 20.36
C GLY B 92 -12.75 19.09 20.39
N VAL B 93 -13.09 18.53 19.22
CA VAL B 93 -14.09 17.42 19.18
C VAL B 93 -13.58 16.26 18.29
N VAL B 94 -13.73 15.04 18.79
CA VAL B 94 -13.42 13.88 17.96
C VAL B 94 -14.76 13.37 17.39
N ARG B 95 -14.87 13.16 16.07
CA ARG B 95 -15.94 12.41 15.53
C ARG B 95 -15.26 11.42 14.61
N ARG B 96 -15.47 10.14 14.84
CA ARG B 96 -14.71 9.17 14.06
C ARG B 96 -15.40 7.80 13.93
N ASP B 97 -14.75 6.95 13.16
CA ASP B 97 -15.25 5.55 12.94
C ASP B 97 -16.77 5.55 12.53
N PRO B 98 -17.05 6.21 11.38
CA PRO B 98 -18.46 6.22 10.90
C PRO B 98 -18.95 4.80 10.66
N SER B 99 -20.20 4.54 11.13
CA SER B 99 -20.94 3.33 10.80
C SER B 99 -21.21 3.30 9.27
N ALA B 100 -21.72 2.19 8.78
CA ALA B 100 -22.32 2.15 7.44
C ALA B 100 -23.48 3.12 7.43
N ILE B 101 -23.89 3.50 6.23
N ILE B 101 -23.89 3.55 6.24
CA ILE B 101 -24.89 4.55 6.06
CA ILE B 101 -24.94 4.55 6.18
C ILE B 101 -26.20 3.89 5.63
C ILE B 101 -26.19 3.96 5.58
N ILE B 102 -27.34 4.33 6.13
CA ILE B 102 -28.60 3.84 5.58
C ILE B 102 -29.45 5.04 5.24
N LYS B 103 -30.56 4.81 4.52
CA LYS B 103 -31.49 5.93 4.14
C LYS B 103 -32.89 5.72 4.74
N GLU B 104 -33.34 6.64 5.60
CA GLU B 104 -34.66 6.51 6.24
C GLU B 104 -35.24 7.91 6.24
N ASN B 105 -36.58 8.01 6.24
CA ASN B 105 -37.21 9.32 6.37
C ASN B 105 -36.63 10.30 5.35
N GLY B 106 -36.29 9.86 4.14
CA GLY B 106 -35.75 10.84 3.18
C GLY B 106 -34.27 11.28 3.34
N LYS B 107 -33.54 10.69 4.31
CA LYS B 107 -32.18 11.16 4.57
C LYS B 107 -31.25 10.01 4.84
N TYR B 108 -29.98 10.20 4.45
CA TYR B 108 -28.91 9.30 4.90
C TYR B 108 -28.69 9.46 6.40
N TYR B 109 -28.46 8.34 7.14
CA TYR B 109 -28.14 8.43 8.57
C TYR B 109 -26.74 7.80 8.79
N VAL B 110 -25.99 8.32 9.74
CA VAL B 110 -24.65 7.72 10.11
C VAL B 110 -24.47 7.91 11.59
N TRP B 111 -23.88 6.90 12.26
CA TRP B 111 -23.59 6.90 13.68
C TRP B 111 -22.04 6.85 13.80
N TYR B 112 -21.50 7.40 14.88
CA TYR B 112 -20.03 7.58 15.00
C TYR B 112 -19.67 7.85 16.45
N SER B 113 -18.38 7.74 16.75
CA SER B 113 -17.89 7.86 18.10
C SER B 113 -17.65 9.38 18.25
N LYS B 114 -18.06 9.95 19.36
CA LYS B 114 -17.86 11.38 19.57
C LYS B 114 -17.35 11.59 20.94
N SER B 115 -16.25 12.34 21.08
CA SER B 115 -15.74 12.69 22.41
C SER B 115 -15.14 14.07 22.26
N THR B 116 -14.75 14.65 23.38
CA THR B 116 -14.19 16.00 23.37
C THR B 116 -12.85 16.09 24.09
N GLY B 117 -12.15 17.23 23.90
CA GLY B 117 -10.90 17.49 24.65
C GLY B 117 -9.67 16.70 24.22
N PRO B 118 -8.47 17.12 24.71
CA PRO B 118 -7.22 16.45 24.35
C PRO B 118 -7.11 15.04 24.94
N THR B 119 -6.29 14.23 24.32
CA THR B 119 -5.99 12.90 24.85
C THR B 119 -4.67 12.98 25.63
N GLN B 120 -4.65 12.49 26.86
CA GLN B 120 -3.41 12.38 27.64
C GLN B 120 -2.57 11.12 27.36
N GLY B 121 -3.21 9.97 27.06
CA GLY B 121 -2.48 8.72 26.89
C GLY B 121 -2.40 8.00 28.25
N PHE B 122 -1.39 7.15 28.40
CA PHE B 122 -1.39 6.20 29.52
C PHE B 122 -0.45 6.51 30.68
N GLY B 123 0.21 7.67 30.65
CA GLY B 123 1.27 7.95 31.62
C GLY B 123 0.81 8.71 32.86
N GLY B 124 -0.51 8.93 33.00
CA GLY B 124 -1.04 9.78 34.04
C GLY B 124 -1.96 9.01 34.95
N ASP B 125 -3.05 9.65 35.39
CA ASP B 125 -4.03 8.98 36.21
C ASP B 125 -5.10 8.36 35.25
N ILE B 126 -4.97 7.05 34.99
CA ILE B 126 -5.92 6.35 34.14
C ILE B 126 -7.40 6.60 34.49
N GLU B 127 -7.77 6.63 35.77
N GLU B 127 -7.73 6.68 35.78
CA GLU B 127 -9.16 6.82 36.18
CA GLU B 127 -9.10 6.82 36.23
C GLU B 127 -9.75 8.15 35.69
C GLU B 127 -9.73 8.20 35.95
N LYS B 128 -8.93 9.16 35.49
CA LYS B 128 -9.43 10.50 35.14
C LYS B 128 -9.01 11.05 33.80
N ASP B 129 -7.97 10.49 33.20
CA ASP B 129 -7.54 11.00 31.89
C ASP B 129 -8.25 10.34 30.73
N LYS B 130 -7.91 10.79 29.54
CA LYS B 130 -8.46 10.30 28.30
C LYS B 130 -7.29 9.65 27.63
N VAL B 131 -7.34 8.33 27.50
CA VAL B 131 -6.11 7.56 27.17
C VAL B 131 -5.95 7.41 25.67
N PHE B 132 -7.07 7.43 24.92
CA PHE B 132 -7.08 7.36 23.46
C PHE B 132 -8.16 8.39 22.95
N PRO B 133 -8.10 8.79 21.67
CA PRO B 133 -9.15 9.75 21.21
C PRO B 133 -10.56 9.16 21.34
N TRP B 134 -10.63 7.83 21.37
CA TRP B 134 -11.93 7.15 21.40
C TRP B 134 -12.26 6.75 22.80
N ASP B 135 -11.46 7.23 23.78
CA ASP B 135 -11.86 7.04 25.19
C ASP B 135 -12.95 8.11 25.47
N ARG B 136 -13.71 7.97 26.54
CA ARG B 136 -14.71 8.98 26.91
C ARG B 136 -15.70 9.29 25.79
N CYS B 137 -16.02 8.30 24.95
CA CYS B 137 -16.97 8.49 23.90
C CYS B 137 -18.40 8.09 24.23
N ASP B 138 -19.33 8.79 23.56
CA ASP B 138 -20.68 8.26 23.35
C ASP B 138 -20.87 8.07 21.85
N ILE B 139 -21.88 7.28 21.45
N ILE B 139 -21.89 7.29 21.46
CA ILE B 139 -22.26 7.18 20.06
CA ILE B 139 -22.28 7.15 20.08
C ILE B 139 -23.34 8.18 19.67
C ILE B 139 -23.36 8.18 19.68
N TRP B 140 -23.00 9.07 18.74
CA TRP B 140 -23.91 10.13 18.19
C TRP B 140 -24.32 9.77 16.77
N TYR B 141 -25.34 10.45 16.22
CA TYR B 141 -25.65 10.25 14.82
C TYR B 141 -25.95 11.57 14.08
N ALA B 142 -25.81 11.51 12.76
CA ALA B 142 -26.11 12.65 11.89
C ALA B 142 -26.97 12.28 10.69
N THR B 143 -27.68 13.25 10.10
CA THR B 143 -28.40 12.95 8.88
C THR B 143 -28.00 13.94 7.82
N SER B 144 -28.26 13.55 6.59
CA SER B 144 -27.93 14.42 5.45
C SER B 144 -28.79 14.04 4.27
N GLU B 145 -29.16 15.03 3.47
CA GLU B 145 -29.93 14.68 2.27
C GLU B 145 -29.07 14.28 1.06
N ASP B 146 -27.88 14.88 0.90
CA ASP B 146 -26.99 14.67 -0.28
C ASP B 146 -25.73 13.86 0.06
N GLY B 147 -25.53 13.54 1.34
CA GLY B 147 -24.33 12.83 1.79
C GLY B 147 -23.10 13.75 1.92
N TRP B 148 -23.32 15.06 1.78
CA TRP B 148 -22.24 16.09 1.82
C TRP B 148 -22.35 17.00 3.04
N THR B 149 -23.54 17.56 3.30
CA THR B 149 -23.82 18.39 4.42
C THR B 149 -24.61 17.61 5.46
N TRP B 150 -24.03 17.47 6.66
CA TRP B 150 -24.55 16.58 7.66
C TRP B 150 -24.95 17.43 8.85
N LYS B 151 -26.13 17.14 9.39
CA LYS B 151 -26.60 17.74 10.61
C LYS B 151 -26.43 16.79 11.79
N GLU B 152 -25.69 17.19 12.80
CA GLU B 152 -25.57 16.31 13.94
C GLU B 152 -26.90 16.32 14.73
N GLU B 153 -27.49 15.14 14.98
CA GLU B 153 -28.79 15.05 15.66
C GLU B 153 -28.68 15.04 17.17
N GLY B 154 -27.86 14.13 17.70
CA GLY B 154 -27.80 13.97 19.16
C GLY B 154 -27.19 12.61 19.46
N PRO B 155 -27.12 12.25 20.76
CA PRO B 155 -26.61 10.98 21.30
C PRO B 155 -27.56 9.85 20.86
N ALA B 156 -27.03 8.70 20.42
CA ALA B 156 -27.83 7.49 20.22
C ALA B 156 -27.62 6.51 21.38
N VAL B 157 -26.37 6.15 21.71
CA VAL B 157 -26.10 5.26 22.83
C VAL B 157 -25.04 5.93 23.71
N THR B 158 -25.25 6.02 25.02
CA THR B 158 -24.31 6.72 25.90
C THR B 158 -23.69 5.70 26.92
N ARG B 159 -22.56 6.07 27.46
CA ARG B 159 -21.94 5.26 28.50
C ARG B 159 -22.95 4.90 29.61
N GLY B 160 -22.90 3.69 30.10
CA GLY B 160 -23.73 3.31 31.25
C GLY B 160 -23.23 3.87 32.60
N GLU B 161 -23.97 3.54 33.66
CA GLU B 161 -23.73 3.96 35.04
C GLU B 161 -22.37 3.44 35.52
N LYS B 162 -21.75 4.18 36.44
CA LYS B 162 -20.51 3.75 37.07
C LYS B 162 -20.56 2.29 37.49
N GLY B 163 -19.57 1.49 37.06
CA GLY B 163 -19.62 0.06 37.34
C GLY B 163 -20.24 -0.91 36.33
N ALA B 164 -21.06 -0.43 35.38
CA ALA B 164 -21.58 -1.25 34.31
C ALA B 164 -20.43 -1.54 33.30
N TYR B 165 -20.59 -2.65 32.59
CA TYR B 165 -19.66 -3.06 31.53
C TYR B 165 -19.33 -2.04 30.49
N ASP B 166 -20.22 -1.03 30.33
CA ASP B 166 -19.96 0.04 29.39
C ASP B 166 -19.88 1.46 29.98
N ASP B 167 -19.37 1.59 31.22
CA ASP B 167 -19.33 2.91 31.87
C ASP B 167 -18.24 3.85 31.34
N ARG B 168 -17.21 3.33 30.68
CA ARG B 168 -16.04 4.15 30.38
C ARG B 168 -16.13 4.81 29.04
N SER B 169 -16.52 4.02 28.03
CA SER B 169 -16.63 4.51 26.67
C SER B 169 -17.50 3.54 25.84
N VAL B 170 -18.33 4.13 24.96
CA VAL B 170 -19.04 3.35 23.94
C VAL B 170 -18.62 3.97 22.59
N PHE B 171 -18.13 3.15 21.69
CA PHE B 171 -17.35 3.61 20.56
C PHE B 171 -17.25 2.57 19.45
N THR B 172 -17.03 3.05 18.21
CA THR B 172 -16.76 2.24 17.02
C THR B 172 -17.94 1.36 16.69
N VAL B 173 -18.97 1.98 16.09
CA VAL B 173 -20.29 1.39 16.00
C VAL B 173 -20.62 0.96 14.57
N GLU B 174 -21.54 0.00 14.43
CA GLU B 174 -22.04 -0.36 13.10
C GLU B 174 -23.59 -0.42 13.24
N ILE B 175 -24.27 -0.26 12.13
CA ILE B 175 -25.74 -0.24 12.08
C ILE B 175 -26.17 -1.49 11.28
N MET B 176 -27.28 -2.08 11.69
CA MET B 176 -27.84 -3.17 10.90
C MET B 176 -29.38 -3.02 10.96
N LYS B 177 -30.05 -3.09 9.82
CA LYS B 177 -31.49 -2.94 9.83
C LYS B 177 -32.05 -4.38 9.75
N TRP B 178 -33.00 -4.80 10.60
CA TRP B 178 -33.55 -6.18 10.42
C TRP B 178 -35.05 -6.22 10.79
N GLU B 179 -35.89 -6.63 9.82
CA GLU B 179 -37.36 -6.73 9.99
C GLU B 179 -37.96 -5.55 10.76
N ASP B 180 -37.75 -4.34 10.26
CA ASP B 180 -38.31 -3.16 10.94
C ASP B 180 -37.65 -2.65 12.23
N LYS B 181 -36.53 -3.25 12.67
CA LYS B 181 -35.89 -2.84 13.89
C LYS B 181 -34.46 -2.50 13.50
N TYR B 182 -33.84 -1.60 14.24
CA TYR B 182 -32.51 -1.13 13.94
C TYR B 182 -31.62 -1.65 15.07
N TYR B 183 -30.39 -2.04 14.76
CA TYR B 183 -29.48 -2.57 15.77
C TYR B 183 -28.16 -1.83 15.59
N LEU B 184 -27.61 -1.33 16.71
CA LEU B 184 -26.24 -0.83 16.74
C LEU B 184 -25.38 -1.80 17.54
N CYS B 185 -24.21 -2.13 17.02
CA CYS B 185 -23.27 -2.92 17.81
C CYS B 185 -21.96 -2.09 17.79
N TYR B 186 -21.28 -2.08 18.94
CA TYR B 186 -20.23 -1.12 19.23
C TYR B 186 -19.29 -1.74 20.29
N GLN B 187 -18.13 -1.12 20.44
CA GLN B 187 -17.18 -1.55 21.48
C GLN B 187 -17.56 -0.85 22.80
N THR B 188 -17.25 -1.54 23.91
CA THR B 188 -17.48 -1.04 25.27
C THR B 188 -16.21 -1.28 26.12
N VAL B 189 -15.87 -0.29 26.95
CA VAL B 189 -14.85 -0.47 27.97
C VAL B 189 -15.48 -0.18 29.32
N LYS B 190 -15.15 -1.03 30.28
CA LYS B 190 -15.46 -0.81 31.70
C LYS B 190 -14.27 -0.17 32.42
N SER B 191 -14.52 0.91 33.19
CA SER B 191 -13.39 1.66 33.75
C SER B 191 -12.69 0.79 34.78
N PRO B 192 -11.31 0.88 34.92
CA PRO B 192 -10.42 1.86 34.26
C PRO B 192 -9.94 1.39 32.88
N TYR B 193 -9.65 2.33 31.99
CA TYR B 193 -9.21 2.04 30.67
C TYR B 193 -7.66 1.90 30.73
N ASN B 194 -7.14 0.90 31.45
CA ASN B 194 -5.71 0.53 31.42
C ASN B 194 -5.25 -0.03 30.09
N VAL B 195 -3.93 -0.03 29.84
CA VAL B 195 -3.34 -0.69 28.68
C VAL B 195 -3.93 -2.11 28.47
N ARG B 196 -4.04 -2.86 29.56
CA ARG B 196 -4.39 -4.26 29.50
C ARG B 196 -5.87 -4.56 29.50
N VAL B 197 -6.67 -3.52 29.62
CA VAL B 197 -8.14 -3.72 29.61
C VAL B 197 -8.56 -4.46 28.34
N LYS B 198 -9.50 -5.38 28.51
CA LYS B 198 -10.13 -6.04 27.42
C LYS B 198 -11.50 -5.37 27.19
N ASN B 199 -11.70 -4.83 25.99
CA ASN B 199 -13.02 -4.18 25.62
C ASN B 199 -13.99 -5.32 25.31
N GLN B 200 -15.30 -5.02 25.21
CA GLN B 200 -16.21 -6.05 24.81
C GLN B 200 -17.09 -5.40 23.69
N VAL B 201 -18.17 -6.04 23.36
CA VAL B 201 -19.09 -5.47 22.34
C VAL B 201 -20.48 -5.51 22.94
N GLY B 202 -21.16 -4.40 22.77
CA GLY B 202 -22.49 -4.27 23.30
C GLY B 202 -23.41 -4.13 22.10
N LEU B 203 -24.69 -4.13 22.35
CA LEU B 203 -25.66 -4.12 21.23
C LEU B 203 -26.80 -3.31 21.73
N ALA B 204 -27.41 -2.48 20.85
CA ALA B 204 -28.59 -1.75 21.21
C ALA B 204 -29.59 -1.78 20.07
N TRP B 205 -30.85 -1.54 20.39
CA TRP B 205 -31.86 -1.63 19.31
C TRP B 205 -32.97 -0.64 19.46
N ALA B 206 -33.63 -0.35 18.36
CA ALA B 206 -34.68 0.67 18.36
C ALA B 206 -35.70 0.37 17.30
N ASP B 207 -36.88 1.00 17.45
CA ASP B 207 -37.94 0.87 16.46
C ASP B 207 -37.87 1.93 15.37
N SER B 208 -37.07 2.96 15.62
CA SER B 208 -36.83 4.03 14.66
C SER B 208 -35.32 4.33 14.63
N PRO B 209 -34.80 4.82 13.49
CA PRO B 209 -33.35 5.13 13.41
C PRO B 209 -32.95 6.36 14.24
N ASP B 210 -33.93 7.10 14.77
CA ASP B 210 -33.64 8.17 15.71
C ASP B 210 -33.67 7.69 17.15
N GLY B 211 -33.93 6.39 17.35
CA GLY B 211 -34.02 5.86 18.71
C GLY B 211 -35.41 6.17 19.23
N PRO B 212 -35.62 6.06 20.57
CA PRO B 212 -34.68 5.73 21.63
C PRO B 212 -34.13 4.32 21.51
N TRP B 213 -32.95 4.09 22.09
CA TRP B 213 -32.26 2.83 21.93
C TRP B 213 -32.23 2.07 23.23
N THR B 214 -32.43 0.76 23.17
CA THR B 214 -32.33 -0.05 24.36
C THR B 214 -31.07 -0.92 24.25
N LYS B 215 -30.23 -0.81 25.27
CA LYS B 215 -28.93 -1.56 25.33
C LYS B 215 -29.11 -3.00 25.85
N SER B 216 -28.26 -3.92 25.36
CA SER B 216 -28.22 -5.24 25.92
C SER B 216 -27.71 -5.16 27.39
N GLU B 217 -28.33 -5.92 28.28
CA GLU B 217 -27.90 -5.91 29.68
C GLU B 217 -26.51 -6.52 29.87
N GLU B 218 -26.15 -7.44 29.01
CA GLU B 218 -24.81 -7.97 28.98
C GLU B 218 -24.19 -7.70 27.60
N PRO B 219 -22.86 -7.78 27.50
CA PRO B 219 -22.17 -7.62 26.23
C PRO B 219 -22.48 -8.82 25.38
N ILE B 220 -22.39 -8.72 24.06
CA ILE B 220 -22.64 -9.91 23.20
C ILE B 220 -21.39 -10.58 22.73
N LEU B 221 -20.24 -9.96 22.93
CA LEU B 221 -18.98 -10.62 22.52
C LEU B 221 -17.87 -10.18 23.43
N SER B 222 -16.90 -11.07 23.71
CA SER B 222 -15.72 -10.63 24.49
C SER B 222 -14.45 -11.26 23.87
N PRO B 223 -13.25 -10.70 24.17
CA PRO B 223 -11.99 -11.27 23.71
C PRO B 223 -11.81 -12.71 24.25
N ALA B 224 -10.96 -13.49 23.59
CA ALA B 224 -10.57 -14.84 24.03
C ALA B 224 -10.02 -14.74 25.45
N ASP B 225 -10.07 -15.87 26.20
CA ASP B 225 -9.61 -15.79 27.59
C ASP B 225 -8.36 -16.65 27.79
N ASN B 226 -7.68 -16.98 26.71
CA ASN B 226 -6.57 -17.90 26.77
C ASN B 226 -5.12 -17.34 26.70
N GLY B 227 -4.99 -16.02 26.65
CA GLY B 227 -3.71 -15.34 26.84
C GLY B 227 -3.34 -15.26 28.32
N VAL B 228 -2.05 -15.17 28.64
CA VAL B 228 -1.58 -14.92 30.01
C VAL B 228 -0.59 -13.76 30.06
N TRP B 229 -0.90 -12.71 30.81
CA TRP B 229 0.00 -11.54 30.93
C TRP B 229 1.31 -11.94 31.63
N LYS B 230 2.40 -11.18 31.39
CA LYS B 230 3.63 -11.41 32.11
C LYS B 230 3.95 -10.12 32.89
N GLY B 231 4.23 -10.23 34.18
CA GLY B 231 4.59 -9.09 34.97
C GLY B 231 3.37 -8.31 35.40
N GLU B 232 3.57 -7.31 36.24
CA GLU B 232 2.47 -6.46 36.69
C GLU B 232 2.45 -5.10 36.03
N GLU B 233 3.53 -4.72 35.37
CA GLU B 233 3.55 -3.44 34.64
C GLU B 233 2.47 -3.49 33.51
N GLN B 234 1.77 -2.38 33.31
CA GLN B 234 0.79 -2.26 32.19
C GLN B 234 1.48 -2.21 30.82
N ASP B 235 1.64 -3.36 30.20
CA ASP B 235 2.51 -3.53 29.04
C ASP B 235 1.78 -4.61 28.21
N ARG B 236 1.17 -4.24 27.08
CA ARG B 236 0.36 -5.22 26.36
C ARG B 236 1.24 -6.19 25.55
N PHE B 237 2.53 -5.93 25.49
CA PHE B 237 3.42 -6.80 24.77
C PHE B 237 4.04 -7.93 25.65
N ALA B 238 3.92 -7.82 26.97
CA ALA B 238 4.63 -8.78 27.86
C ALA B 238 3.66 -9.93 28.24
N VAL B 239 3.95 -11.11 27.71
CA VAL B 239 3.06 -12.27 27.92
C VAL B 239 3.87 -13.51 28.22
N ILE B 240 3.23 -14.41 28.98
CA ILE B 240 3.62 -15.83 29.05
C ILE B 240 3.06 -16.65 27.89
N LYS B 241 1.85 -16.29 27.45
CA LYS B 241 1.20 -16.96 26.38
C LYS B 241 0.35 -15.90 25.64
N LYS B 242 0.43 -15.86 24.32
CA LYS B 242 -0.29 -14.81 23.59
C LYS B 242 -1.81 -15.13 23.54
N GLY B 243 -2.11 -16.41 23.49
CA GLY B 243 -3.49 -16.86 23.21
C GLY B 243 -3.99 -16.50 21.80
N ASP B 244 -5.30 -16.63 21.59
CA ASP B 244 -5.92 -16.47 20.28
C ASP B 244 -5.72 -15.06 19.67
N PHE B 245 -5.87 -14.92 18.37
CA PHE B 245 -5.75 -13.65 17.68
C PHE B 245 -6.56 -12.50 18.35
N ASP B 246 -7.56 -12.87 19.17
CA ASP B 246 -8.45 -11.86 19.75
C ASP B 246 -8.42 -11.96 21.27
N SER B 247 -7.24 -12.26 21.84
CA SER B 247 -7.10 -12.39 23.30
C SER B 247 -7.07 -11.08 24.04
N HIS B 248 -6.83 -9.94 23.35
CA HIS B 248 -6.79 -8.67 24.08
C HIS B 248 -8.12 -7.88 23.73
N LYS B 249 -8.42 -7.78 22.44
CA LYS B 249 -9.47 -6.85 21.96
C LYS B 249 -10.41 -7.52 20.99
N VAL B 250 -11.68 -7.03 20.92
CA VAL B 250 -12.59 -7.48 19.87
C VAL B 250 -13.21 -6.20 19.29
N HIS B 251 -12.78 -5.86 18.05
CA HIS B 251 -12.93 -4.47 17.60
C HIS B 251 -13.77 -4.38 16.33
N ASP B 252 -14.28 -3.19 16.10
CA ASP B 252 -15.04 -2.85 14.86
C ASP B 252 -16.11 -3.90 14.58
N PRO B 253 -16.99 -4.19 15.53
CA PRO B 253 -18.02 -5.19 15.29
C PRO B 253 -18.96 -4.77 14.13
N CYS B 254 -19.28 -5.69 13.27
CA CYS B 254 -20.16 -5.35 12.14
C CYS B 254 -20.97 -6.61 11.83
N ILE B 255 -22.31 -6.51 11.91
CA ILE B 255 -23.18 -7.65 11.69
C ILE B 255 -23.80 -7.68 10.29
N ILE B 256 -23.65 -8.81 9.59
CA ILE B 256 -24.21 -8.98 8.27
C ILE B 256 -25.19 -10.19 8.35
N PRO B 257 -26.51 -9.96 8.11
CA PRO B 257 -27.47 -11.05 7.93
C PRO B 257 -27.00 -11.89 6.76
N TYR B 258 -26.89 -13.19 6.97
CA TYR B 258 -26.27 -14.08 6.01
C TYR B 258 -26.75 -15.51 6.29
N LYS B 259 -27.32 -16.17 5.28
CA LYS B 259 -27.81 -17.60 5.35
C LYS B 259 -28.84 -17.75 6.46
N GLY B 260 -29.67 -16.72 6.63
CA GLY B 260 -30.68 -16.73 7.69
C GLY B 260 -30.17 -16.59 9.10
N LYS B 261 -28.84 -16.35 9.29
CA LYS B 261 -28.24 -16.19 10.62
C LYS B 261 -27.61 -14.79 10.60
N PHE B 262 -26.85 -14.45 11.62
CA PHE B 262 -26.26 -13.08 11.78
C PHE B 262 -24.78 -13.25 11.95
N TYR B 263 -23.99 -12.83 10.96
CA TYR B 263 -22.54 -13.02 11.01
C TYR B 263 -21.89 -11.72 11.49
N LEU B 264 -21.37 -11.73 12.71
CA LEU B 264 -20.70 -10.55 13.29
C LEU B 264 -19.22 -10.66 13.03
N TYR B 265 -18.73 -9.88 12.06
CA TYR B 265 -17.31 -9.85 11.73
C TYR B 265 -16.65 -8.82 12.66
N TYR B 266 -15.43 -9.13 13.14
CA TYR B 266 -14.72 -8.29 14.06
C TYR B 266 -13.18 -8.47 13.90
N LYS B 267 -12.41 -7.47 14.34
CA LYS B 267 -10.96 -7.43 14.25
C LYS B 267 -10.43 -7.79 15.65
N GLY B 268 -9.68 -8.87 15.77
CA GLY B 268 -8.99 -9.19 17.04
C GLY B 268 -7.74 -8.36 17.24
N GLU B 269 -7.44 -7.91 18.47
CA GLU B 269 -6.02 -7.66 18.79
C GLU B 269 -5.56 -8.69 19.80
N GLN B 270 -4.29 -9.06 19.75
CA GLN B 270 -3.76 -10.22 20.47
C GLN B 270 -2.86 -9.72 21.60
N MET B 271 -3.02 -10.27 22.80
CA MET B 271 -2.06 -10.06 23.88
C MET B 271 -0.65 -10.47 23.39
N GLY B 272 0.35 -9.58 23.58
CA GLY B 272 1.74 -9.84 23.15
C GLY B 272 1.95 -9.71 21.65
N GLU B 273 0.96 -9.13 20.91
CA GLU B 273 1.08 -8.80 19.47
C GLU B 273 2.55 -8.53 18.99
N ALA B 274 2.98 -9.11 17.88
CA ALA B 274 4.36 -8.82 17.44
C ALA B 274 4.28 -7.91 16.23
N ILE B 275 5.40 -7.28 15.85
CA ILE B 275 5.59 -6.73 14.47
C ILE B 275 6.24 -7.82 13.60
N THR B 276 5.62 -8.22 12.52
CA THR B 276 6.25 -9.21 11.67
C THR B 276 6.74 -8.65 10.35
N PHE B 277 7.10 -9.52 9.40
CA PHE B 277 7.51 -9.05 8.07
C PHE B 277 6.39 -8.27 7.36
N GLY B 278 5.18 -8.46 7.86
CA GLY B 278 4.06 -7.67 7.34
C GLY B 278 3.57 -6.58 8.28
N GLY B 279 4.29 -6.35 9.35
CA GLY B 279 3.88 -5.24 10.25
C GLY B 279 3.07 -5.78 11.43
N ARG B 280 2.20 -4.93 12.02
CA ARG B 280 1.42 -5.31 13.22
C ARG B 280 0.71 -6.59 12.88
N GLN B 281 0.57 -7.54 13.83
CA GLN B 281 -0.26 -8.77 13.63
C GLN B 281 -1.68 -8.45 14.00
N ILE B 282 -2.55 -8.45 13.01
CA ILE B 282 -4.01 -8.10 13.21
C ILE B 282 -4.77 -9.06 12.31
N ARG B 283 -5.82 -9.71 12.84
CA ARG B 283 -6.55 -10.71 12.12
C ARG B 283 -8.00 -10.49 12.48
N HIS B 284 -8.86 -10.98 11.58
CA HIS B 284 -10.32 -10.83 11.77
C HIS B 284 -10.95 -12.18 12.15
N GLY B 285 -12.08 -12.17 12.84
CA GLY B 285 -12.82 -13.41 13.09
C GLY B 285 -14.30 -13.11 12.82
N VAL B 286 -15.09 -14.15 12.96
CA VAL B 286 -16.58 -14.03 12.86
C VAL B 286 -17.20 -14.83 14.03
N ALA B 287 -18.38 -14.39 14.46
CA ALA B 287 -19.13 -15.02 15.50
C ALA B 287 -20.55 -14.97 14.93
N ILE B 288 -21.28 -16.05 15.12
CA ILE B 288 -22.51 -16.25 14.38
C ILE B 288 -23.61 -16.45 15.36
N ALA B 289 -24.75 -15.80 15.13
CA ALA B 289 -25.95 -16.05 15.99
C ALA B 289 -27.17 -16.40 15.10
N ASP B 290 -28.11 -17.19 15.66
CA ASP B 290 -29.42 -17.49 15.05
C ASP B 290 -30.37 -16.30 15.02
N ASN B 291 -30.14 -15.32 15.88
CA ASN B 291 -31.03 -14.18 16.04
C ASN B 291 -30.18 -12.98 16.29
N PRO B 292 -30.71 -11.80 15.94
CA PRO B 292 -29.96 -10.53 16.02
C PRO B 292 -29.38 -10.26 17.41
N LYS B 293 -30.11 -10.64 18.49
CA LYS B 293 -29.68 -10.38 19.85
C LYS B 293 -28.68 -11.39 20.41
N GLY B 294 -28.38 -12.41 19.62
CA GLY B 294 -27.40 -13.43 20.00
C GLY B 294 -28.13 -14.70 20.40
N PRO B 295 -27.40 -15.68 20.95
CA PRO B 295 -25.99 -15.56 21.31
C PRO B 295 -25.04 -15.72 20.11
N TYR B 296 -24.01 -14.90 20.07
CA TYR B 296 -23.04 -14.97 19.02
C TYR B 296 -21.96 -15.97 19.38
N VAL B 297 -21.75 -16.99 18.55
CA VAL B 297 -20.75 -18.03 18.85
C VAL B 297 -19.59 -17.97 17.82
N LYS B 298 -18.36 -17.85 18.32
CA LYS B 298 -17.19 -17.62 17.46
C LYS B 298 -16.99 -18.82 16.57
N SER B 299 -16.68 -18.60 15.29
CA SER B 299 -16.46 -19.72 14.37
C SER B 299 -15.15 -20.45 14.78
N PRO B 300 -15.14 -21.82 14.73
CA PRO B 300 -13.91 -22.59 15.00
C PRO B 300 -12.88 -22.19 13.95
N TYR B 301 -13.32 -21.62 12.81
CA TYR B 301 -12.38 -21.29 11.76
C TYR B 301 -11.66 -19.96 12.01
N ASN B 302 -11.98 -19.23 13.08
CA ASN B 302 -11.24 -17.98 13.36
C ASN B 302 -9.74 -18.24 13.60
N PRO B 303 -8.86 -17.34 13.12
CA PRO B 303 -9.26 -16.15 12.39
C PRO B 303 -9.46 -16.43 10.92
N ILE B 304 -10.42 -15.70 10.34
CA ILE B 304 -10.73 -15.87 8.96
C ILE B 304 -10.04 -14.81 8.09
N SER B 305 -9.19 -13.96 8.65
CA SER B 305 -8.21 -13.17 7.85
C SER B 305 -6.83 -13.42 8.50
N ASN B 306 -5.75 -13.10 7.83
CA ASN B 306 -4.46 -13.14 8.52
C ASN B 306 -3.86 -11.75 8.59
N SER B 307 -4.65 -10.74 8.16
CA SER B 307 -4.19 -9.33 8.07
C SER B 307 -5.43 -8.42 8.21
N GLY B 308 -5.23 -7.11 8.25
CA GLY B 308 -6.38 -6.20 8.07
C GLY B 308 -6.40 -5.24 9.22
N HIS B 309 -7.42 -4.41 9.28
CA HIS B 309 -7.54 -3.55 10.48
C HIS B 309 -9.04 -3.38 10.69
N GLU B 310 -9.57 -2.15 10.54
CA GLU B 310 -11.04 -1.98 10.71
C GLU B 310 -11.83 -2.82 9.69
N ILE B 311 -12.92 -3.42 10.16
CA ILE B 311 -13.79 -4.26 9.40
C ILE B 311 -14.54 -3.41 8.35
N CYS B 312 -14.54 -3.93 7.14
CA CYS B 312 -15.23 -3.28 5.99
C CYS B 312 -15.68 -4.44 5.16
N VAL B 313 -16.91 -4.87 5.41
CA VAL B 313 -17.43 -6.11 4.82
C VAL B 313 -18.82 -5.96 4.19
N TRP B 314 -19.09 -6.75 3.14
CA TRP B 314 -20.40 -6.63 2.46
C TRP B 314 -20.81 -7.94 1.83
N PRO B 315 -22.15 -8.19 1.76
CA PRO B 315 -22.59 -9.41 1.05
C PRO B 315 -22.34 -9.22 -0.47
N TYR B 316 -22.04 -10.31 -1.18
CA TYR B 316 -21.87 -10.24 -2.63
C TYR B 316 -21.89 -11.62 -3.23
N ASN B 317 -22.80 -11.82 -4.19
CA ASN B 317 -22.86 -13.08 -4.95
C ASN B 317 -23.04 -14.30 -4.02
N GLY B 318 -23.83 -14.17 -2.93
CA GLY B 318 -24.08 -15.35 -2.05
C GLY B 318 -22.89 -15.58 -1.08
N GLY B 319 -21.85 -14.74 -1.14
CA GLY B 319 -20.68 -14.85 -0.30
C GLY B 319 -20.47 -13.53 0.47
N ILE B 320 -19.27 -13.33 0.96
CA ILE B 320 -18.99 -12.13 1.74
C ILE B 320 -17.71 -11.51 1.21
N ALA B 321 -17.74 -10.19 0.94
CA ALA B 321 -16.52 -9.47 0.51
C ALA B 321 -15.91 -8.65 1.67
N SER B 322 -14.57 -8.50 1.69
CA SER B 322 -13.88 -7.83 2.77
C SER B 322 -12.72 -6.99 2.24
N LEU B 323 -12.65 -5.78 2.72
CA LEU B 323 -11.55 -4.86 2.38
C LEU B 323 -10.50 -4.92 3.51
N ILE B 324 -9.32 -5.40 3.14
CA ILE B 324 -8.29 -5.65 4.12
C ILE B 324 -7.28 -4.49 4.11
N THR B 325 -7.24 -3.65 5.17
CA THR B 325 -6.32 -2.50 5.13
C THR B 325 -5.19 -2.52 6.19
N THR B 326 -4.19 -1.64 5.95
CA THR B 326 -3.36 -0.99 6.97
C THR B 326 -2.23 -1.96 7.43
N ASP B 327 -2.62 -3.16 7.85
CA ASP B 327 -1.62 -4.01 8.63
C ASP B 327 -1.59 -5.44 8.09
N GLY B 328 -0.42 -6.08 8.14
CA GLY B 328 -0.30 -7.48 7.79
C GLY B 328 0.18 -7.76 6.37
N PRO B 329 0.48 -9.06 6.06
CA PRO B 329 1.03 -9.39 4.73
C PRO B 329 0.02 -9.32 3.57
N GLU B 330 -1.26 -9.28 3.91
CA GLU B 330 -2.28 -9.17 2.90
C GLU B 330 -3.02 -7.86 2.96
N LYS B 331 -2.41 -6.83 3.59
CA LYS B 331 -3.03 -5.51 3.61
C LYS B 331 -3.19 -5.04 2.15
N ASN B 332 -4.13 -4.12 1.93
CA ASN B 332 -4.36 -3.57 0.58
C ASN B 332 -4.83 -4.61 -0.40
N THR B 333 -5.69 -5.48 0.07
CA THR B 333 -6.37 -6.40 -0.81
C THR B 333 -7.90 -6.37 -0.55
N ILE B 334 -8.63 -6.77 -1.57
CA ILE B 334 -10.07 -7.05 -1.40
C ILE B 334 -10.16 -8.53 -1.53
N GLN B 335 -10.90 -9.17 -0.61
CA GLN B 335 -11.02 -10.65 -0.64
C GLN B 335 -12.45 -11.08 -0.64
N TRP B 336 -12.71 -12.34 -1.01
CA TRP B 336 -14.11 -12.80 -1.02
C TRP B 336 -14.16 -14.23 -0.60
N ALA B 337 -15.19 -14.58 0.18
CA ALA B 337 -15.43 -15.97 0.61
C ALA B 337 -16.79 -16.46 0.13
N PRO B 338 -16.85 -17.62 -0.54
CA PRO B 338 -18.20 -18.00 -0.97
C PRO B 338 -19.14 -18.38 0.20
N ASP B 339 -18.58 -18.55 1.41
CA ASP B 339 -19.31 -19.06 2.58
C ASP B 339 -19.09 -18.15 3.79
N GLY B 340 -18.49 -16.97 3.57
CA GLY B 340 -18.28 -16.06 4.66
C GLY B 340 -17.12 -16.45 5.60
N ILE B 341 -16.39 -17.51 5.28
CA ILE B 341 -15.32 -18.05 6.15
C ILE B 341 -13.96 -18.19 5.47
N ASN B 342 -13.95 -18.68 4.23
CA ASN B 342 -12.69 -18.99 3.51
C ASN B 342 -12.44 -17.96 2.42
N PHE B 343 -11.74 -16.90 2.77
CA PHE B 343 -11.56 -15.78 1.88
C PHE B 343 -10.38 -15.97 0.96
N GLU B 344 -10.56 -15.55 -0.29
CA GLU B 344 -9.46 -15.55 -1.23
C GLU B 344 -9.20 -14.16 -1.74
N ILE B 345 -7.95 -13.89 -2.09
CA ILE B 345 -7.55 -12.57 -2.62
C ILE B 345 -8.17 -12.32 -4.03
N LYS B 346 -8.92 -11.24 -4.21
CA LYS B 346 -9.49 -10.95 -5.56
C LYS B 346 -8.77 -9.80 -6.26
N SER B 347 -8.17 -8.90 -5.45
CA SER B 347 -7.38 -7.81 -6.03
C SER B 347 -6.32 -7.36 -5.03
N VAL B 348 -5.23 -6.76 -5.53
CA VAL B 348 -4.20 -6.14 -4.74
C VAL B 348 -4.16 -4.73 -5.23
N ILE B 349 -4.40 -3.76 -4.35
CA ILE B 349 -4.67 -2.41 -4.81
C ILE B 349 -3.74 -1.46 -4.15
N PRO B 350 -3.58 -0.29 -4.76
CA PRO B 350 -2.74 0.74 -4.23
C PRO B 350 -3.09 1.03 -2.77
N GLY B 351 -2.09 1.45 -1.99
CA GLY B 351 -2.25 1.78 -0.60
C GLY B 351 -3.56 2.49 -0.30
N VAL B 352 -4.40 1.87 0.55
CA VAL B 352 -5.78 2.40 0.81
C VAL B 352 -5.74 3.56 1.84
N ASN B 353 -6.12 4.76 1.41
CA ASN B 353 -6.16 5.95 2.30
C ASN B 353 -7.42 6.02 3.19
N ALA B 354 -8.43 5.25 2.86
CA ALA B 354 -9.72 5.31 3.57
C ALA B 354 -9.81 4.10 4.52
N HIS B 355 -9.50 4.32 5.78
CA HIS B 355 -9.60 3.26 6.80
C HIS B 355 -10.95 3.39 7.50
N ALA B 356 -11.34 2.35 8.28
CA ALA B 356 -12.50 2.43 9.09
C ALA B 356 -13.70 2.85 8.20
N ILE B 357 -13.80 2.27 7.03
CA ILE B 357 -14.94 2.69 6.16
C ILE B 357 -16.31 2.44 6.71
N GLY B 358 -17.20 3.38 6.46
CA GLY B 358 -18.65 3.23 6.79
C GLY B 358 -19.23 3.08 5.39
N LEU B 359 -19.66 1.85 5.05
CA LEU B 359 -20.11 1.54 3.70
C LEU B 359 -21.50 2.07 3.37
N ASN B 360 -21.74 2.27 2.08
CA ASN B 360 -23.08 2.74 1.67
C ASN B 360 -24.02 1.53 1.51
N ARG B 361 -24.79 1.23 2.55
CA ARG B 361 -25.67 0.08 2.47
C ARG B 361 -26.86 0.43 1.55
N THR B 362 -26.92 1.67 1.02
CA THR B 362 -28.00 1.98 0.02
C THR B 362 -27.57 1.66 -1.38
N ALA B 363 -26.28 1.35 -1.55
CA ALA B 363 -25.79 0.99 -2.85
C ALA B 363 -26.36 -0.32 -3.36
N ASP B 364 -26.36 -0.46 -4.69
CA ASP B 364 -26.84 -1.69 -5.35
C ASP B 364 -25.68 -2.63 -5.33
N VAL B 365 -25.45 -3.23 -4.15
CA VAL B 365 -24.23 -3.99 -3.90
C VAL B 365 -23.99 -5.17 -4.86
N GLU B 366 -25.06 -5.80 -5.33
CA GLU B 366 -24.89 -6.94 -6.21
C GLU B 366 -24.57 -6.58 -7.65
N LYS B 367 -24.64 -5.32 -8.02
CA LYS B 367 -24.45 -4.93 -9.40
C LYS B 367 -23.06 -5.25 -9.97
N GLU B 368 -22.03 -5.21 -9.13
CA GLU B 368 -20.70 -5.62 -9.53
C GLU B 368 -19.89 -5.66 -8.21
N PRO B 369 -18.76 -6.39 -8.15
CA PRO B 369 -18.11 -6.55 -6.80
C PRO B 369 -17.85 -5.31 -6.00
N THR B 370 -17.37 -4.24 -6.64
CA THR B 370 -16.99 -3.03 -5.90
C THR B 370 -17.98 -1.90 -5.98
N GLU B 371 -19.16 -2.20 -6.53
CA GLU B 371 -20.23 -1.13 -6.67
C GLU B 371 -20.37 -0.39 -5.37
N ILE B 372 -20.38 -1.12 -4.25
CA ILE B 372 -20.65 -0.49 -2.97
C ILE B 372 -19.58 0.52 -2.62
N LEU B 373 -18.33 0.30 -3.08
CA LEU B 373 -17.22 1.23 -2.78
C LEU B 373 -17.12 2.52 -3.64
N ARG B 374 -18.14 2.84 -4.47
CA ARG B 374 -18.04 4.08 -5.27
C ARG B 374 -17.93 5.31 -4.42
N TRP B 375 -18.65 5.32 -3.31
CA TRP B 375 -18.47 6.40 -2.37
C TRP B 375 -18.86 5.93 -0.97
N GLY B 376 -18.39 6.60 0.08
CA GLY B 376 -18.79 6.23 1.42
C GLY B 376 -18.13 7.12 2.42
N LEU B 377 -18.17 6.72 3.71
CA LEU B 377 -17.60 7.63 4.71
C LEU B 377 -16.34 6.96 5.26
N THR B 378 -15.49 7.77 5.85
CA THR B 378 -14.26 7.23 6.48
C THR B 378 -13.90 8.30 7.48
N HIS B 379 -12.64 8.34 7.93
CA HIS B 379 -12.22 9.40 8.77
C HIS B 379 -10.77 9.75 8.49
N ILE B 380 -10.31 10.86 9.10
CA ILE B 380 -8.92 11.28 8.93
C ILE B 380 -8.37 11.80 10.24
N TYR B 381 -7.06 11.65 10.44
CA TYR B 381 -6.42 12.31 11.56
C TYR B 381 -6.09 13.75 11.22
N ASN B 382 -6.82 14.68 11.81
CA ASN B 382 -6.42 16.08 11.77
C ASN B 382 -5.11 16.30 12.57
N ASN B 383 -5.04 15.79 13.79
CA ASN B 383 -3.79 15.74 14.58
C ASN B 383 -4.00 14.57 15.51
N GLY B 384 -3.09 14.38 16.47
CA GLY B 384 -3.17 13.28 17.39
C GLY B 384 -4.44 13.35 18.22
N ASP B 385 -4.89 14.56 18.57
CA ASP B 385 -6.09 14.65 19.44
C ASP B 385 -7.43 14.53 18.71
N TYR B 386 -7.53 15.13 17.53
CA TYR B 386 -8.88 15.26 16.90
C TYR B 386 -8.91 14.58 15.55
N GLN B 387 -9.99 13.83 15.31
CA GLN B 387 -10.18 13.26 14.01
C GLN B 387 -11.59 13.70 13.57
N SER B 388 -11.88 13.49 12.29
CA SER B 388 -13.12 13.97 11.60
C SER B 388 -13.58 12.94 10.60
N ILE B 389 -14.89 12.86 10.35
CA ILE B 389 -15.40 11.97 9.30
C ILE B 389 -15.15 12.63 7.95
N MET B 390 -14.83 11.83 6.93
CA MET B 390 -14.56 12.30 5.59
C MET B 390 -15.32 11.41 4.62
N ARG B 391 -15.44 11.84 3.39
CA ARG B 391 -16.10 11.06 2.37
C ARG B 391 -14.99 10.56 1.43
N PHE B 392 -15.10 9.33 0.90
CA PHE B 392 -14.12 8.78 -0.06
C PHE B 392 -14.84 8.45 -1.37
N SER B 393 -14.10 8.23 -2.43
CA SER B 393 -14.64 7.66 -3.69
C SER B 393 -13.65 6.62 -4.16
N SER B 394 -14.10 5.75 -5.05
CA SER B 394 -13.18 4.89 -5.72
C SER B 394 -13.79 4.63 -7.08
N GLU B 395 -12.97 4.14 -7.97
CA GLU B 395 -13.34 3.82 -9.31
C GLU B 395 -12.49 2.64 -9.71
N ARG B 396 -13.12 1.74 -10.48
CA ARG B 396 -12.41 0.74 -11.24
C ARG B 396 -11.43 1.39 -12.20
N LYS B 397 -10.25 0.79 -12.34
CA LYS B 397 -9.27 1.32 -13.30
C LYS B 397 -9.54 0.88 -14.76
N THR B 398 -9.62 1.91 -15.59
CA THR B 398 -9.61 1.91 -17.06
C THR B 398 -8.21 1.58 -17.68
ZN ZN C . 15.26 6.68 -10.95
CL CL D . 9.82 6.34 -22.94
ZN ZN E . -16.21 1.18 11.48
CL CL F . -10.25 -0.99 23.37
#